data_2YVH
#
_entry.id   2YVH
#
_cell.length_a   39.011
_cell.length_b   80.095
_cell.length_c   87.056
_cell.angle_alpha   108.98
_cell.angle_beta   102.25
_cell.angle_gamma   96.14
#
_symmetry.space_group_name_H-M   'P 1'
#
loop_
_entity.id
_entity.type
_entity.pdbx_description
1 polymer 'Transcriptional regulator'
2 polymer "5'-D(*DTP*DAP*DAP*DCP*DTP*DGP*DTP*DAP*DCP*DCP*DGP*DAP*DCP*DC)-3'"
3 polymer "5'-D(*DGP*DGP*DTP*DCP*DGP*DGP*DTP*DAP*DCP*DAP*DGP*DTP*DTP*DA)-3'"
4 water water
#
loop_
_entity_poly.entity_id
_entity_poly.type
_entity_poly.pdbx_seq_one_letter_code
_entity_poly.pdbx_strand_id
1 'polypeptide(L)'
;(MSE)RTSKKE(MSE)ILRTAIDYIGEYSLETLSYDSLAEATGLSKSGLIYHFPSRHALLLG(MSE)HELLADDWDKELR
DITRDPEDPLERLRAVVVTLAENVSRPELLLLIDAPSHPDFLNAWRTVNHQWIPDTDDLENDAHKRAVYLVQLAADGLFV
HDYIHDDVLSKSKRQA(MSE)LETILELIPSQT
;
A,B,C,D
2 'polydeoxyribonucleotide' (DT)(DA)(DA)(DC)(DT)(DG)(DT)(DA)(DC)(DC)(DG)(DA)(DC)(DC) E,G
3 'polydeoxyribonucleotide' (DG)(DG)(DT)(DC)(DG)(DG)(DT)(DA)(DC)(DA)(DG)(DT)(DT)(DA) F,H
#
# COMPACT_ATOMS: atom_id res chain seq x y z
N SER A 4 -19.41 13.10 -19.94
CA SER A 4 -19.28 12.30 -18.68
C SER A 4 -18.28 12.93 -17.68
N LYS A 5 -18.55 12.78 -16.39
CA LYS A 5 -17.68 13.41 -15.38
C LYS A 5 -16.24 12.86 -15.35
N LYS A 6 -16.08 11.58 -15.68
CA LYS A 6 -14.78 10.97 -15.94
C LYS A 6 -13.95 11.79 -16.95
N GLU A 7 -14.53 12.00 -18.13
CA GLU A 7 -13.89 12.82 -19.15
C GLU A 7 -13.51 14.24 -18.72
N ILE A 9 -12.71 15.10 -15.75
CA ILE A 9 -11.63 14.89 -14.78
C ILE A 9 -10.30 14.64 -15.51
N LEU A 10 -10.32 13.74 -16.51
CA LEU A 10 -9.14 13.48 -17.32
C LEU A 10 -8.61 14.75 -17.97
N ARG A 11 -9.54 15.62 -18.35
CA ARG A 11 -9.28 16.82 -19.13
C ARG A 11 -8.53 17.79 -18.26
N THR A 12 -8.92 17.87 -17.00
CA THR A 12 -8.22 18.70 -15.98
C THR A 12 -6.86 18.09 -15.59
N ALA A 13 -6.77 16.77 -15.65
CA ALA A 13 -5.52 16.11 -15.31
C ALA A 13 -4.53 16.31 -16.44
N ILE A 14 -5.01 16.35 -17.69
CA ILE A 14 -4.19 16.53 -18.85
C ILE A 14 -3.58 17.94 -18.76
N ASP A 15 -4.40 18.93 -18.46
CA ASP A 15 -3.90 20.28 -18.30
C ASP A 15 -3.02 20.53 -17.09
N TYR A 16 -3.25 19.80 -16.00
CA TYR A 16 -2.32 19.89 -14.89
C TYR A 16 -0.91 19.42 -15.38
N ILE A 17 -0.81 18.25 -16.02
CA ILE A 17 0.51 17.71 -16.29
C ILE A 17 1.23 18.54 -17.37
N GLY A 18 0.46 19.28 -18.17
CA GLY A 18 1.00 20.21 -19.15
C GLY A 18 1.71 21.35 -18.46
N GLU A 19 1.23 21.70 -17.30
CA GLU A 19 1.76 22.82 -16.56
C GLU A 19 2.86 22.38 -15.62
N TYR A 20 2.74 21.16 -15.05
CA TYR A 20 3.73 20.64 -14.08
C TYR A 20 4.37 19.36 -14.57
N SER A 21 4.01 18.22 -14.01
CA SER A 21 4.52 16.94 -14.50
C SER A 21 3.60 15.80 -14.08
N LEU A 22 3.89 14.59 -14.56
CA LEU A 22 3.22 13.42 -14.06
C LEU A 22 3.59 13.19 -12.62
N GLU A 23 4.84 13.48 -12.26
CA GLU A 23 5.30 13.05 -10.95
C GLU A 23 4.52 13.72 -9.81
N THR A 24 4.01 14.93 -10.05
CA THR A 24 3.35 15.71 -9.00
C THR A 24 1.83 15.65 -9.18
N LEU A 25 1.38 14.93 -10.20
CA LEU A 25 -0.01 14.63 -10.33
C LEU A 25 -0.44 13.60 -9.27
N SER A 26 -1.23 14.04 -8.31
CA SER A 26 -1.62 13.15 -7.22
C SER A 26 -3.11 13.39 -7.11
N TYR A 27 -3.81 12.43 -6.55
CA TYR A 27 -5.19 12.59 -6.19
C TYR A 27 -5.44 13.92 -5.43
N ASP A 28 -4.61 14.26 -4.44
CA ASP A 28 -4.92 15.52 -3.78
C ASP A 28 -4.76 16.71 -4.68
N SER A 29 -3.71 16.71 -5.51
CA SER A 29 -3.42 17.89 -6.32
C SER A 29 -4.46 17.99 -7.45
N LEU A 30 -4.96 16.86 -7.94
CA LEU A 30 -6.07 16.81 -8.91
C LEU A 30 -7.46 17.18 -8.33
N ALA A 31 -7.61 16.97 -7.03
CA ALA A 31 -8.81 17.38 -6.28
C ALA A 31 -8.87 18.92 -6.12
N GLU A 32 -7.77 19.51 -5.68
CA GLU A 32 -7.61 20.93 -5.77
C GLU A 32 -8.08 21.40 -7.15
N ALA A 33 -7.33 21.07 -8.19
CA ALA A 33 -7.71 21.48 -9.55
C ALA A 33 -9.12 21.14 -10.09
N THR A 34 -9.83 20.11 -9.61
CA THR A 34 -11.16 19.80 -10.21
C THR A 34 -12.33 20.34 -9.39
N GLY A 35 -12.09 20.74 -8.14
CA GLY A 35 -13.20 21.09 -7.23
C GLY A 35 -13.75 19.94 -6.38
N LEU A 36 -13.66 18.70 -6.89
CA LEU A 36 -14.00 17.45 -6.15
C LEU A 36 -13.13 17.16 -4.93
N SER A 37 -13.63 16.29 -4.03
CA SER A 37 -12.82 15.85 -2.89
C SER A 37 -11.89 14.74 -3.37
N LYS A 38 -10.79 14.53 -2.65
CA LYS A 38 -9.94 13.38 -2.84
C LYS A 38 -10.69 12.07 -3.14
N SER A 39 -11.71 11.73 -2.33
CA SER A 39 -12.39 10.43 -2.51
C SER A 39 -13.46 10.43 -3.59
N GLY A 40 -14.04 11.59 -3.87
CA GLY A 40 -14.93 11.73 -5.03
C GLY A 40 -14.15 11.30 -6.28
N LEU A 41 -12.91 11.78 -6.39
CA LEU A 41 -12.03 11.47 -7.49
C LEU A 41 -11.74 9.99 -7.49
N ILE A 42 -11.53 9.40 -6.30
CA ILE A 42 -11.19 7.98 -6.28
C ILE A 42 -12.41 7.14 -6.67
N TYR A 43 -13.62 7.58 -6.30
CA TYR A 43 -14.80 6.89 -6.83
C TYR A 43 -14.66 6.70 -8.35
N HIS A 44 -14.34 7.77 -9.08
CA HIS A 44 -14.27 7.75 -10.55
C HIS A 44 -13.09 7.01 -11.17
N PHE A 45 -11.92 7.21 -10.57
CA PHE A 45 -10.73 6.42 -10.98
C PHE A 45 -10.14 5.75 -9.73
N PRO A 46 -10.47 4.49 -9.51
CA PRO A 46 -10.27 3.71 -8.23
C PRO A 46 -8.81 3.40 -7.88
N SER A 47 -7.90 3.57 -8.83
CA SER A 47 -6.47 3.49 -8.60
C SER A 47 -5.76 4.47 -9.53
N ARG A 48 -4.56 4.84 -9.14
CA ARG A 48 -3.73 5.67 -9.97
C ARG A 48 -3.49 5.10 -11.35
N HIS A 49 -3.15 3.81 -11.43
CA HIS A 49 -3.05 3.16 -12.73
C HIS A 49 -4.26 3.48 -13.60
N ALA A 50 -5.46 3.35 -13.06
CA ALA A 50 -6.68 3.64 -13.84
C ALA A 50 -6.79 5.10 -14.34
N LEU A 51 -6.36 6.04 -13.53
CA LEU A 51 -6.36 7.43 -13.93
C LEU A 51 -5.39 7.61 -15.09
N LEU A 52 -4.14 7.18 -14.92
CA LEU A 52 -3.12 7.30 -15.95
C LEU A 52 -3.52 6.58 -17.21
N LEU A 53 -4.01 5.36 -17.10
CA LEU A 53 -4.62 4.69 -18.27
C LEU A 53 -5.73 5.52 -18.95
N GLY A 54 -6.60 6.14 -18.17
CA GLY A 54 -7.57 7.03 -18.74
C GLY A 54 -6.99 8.20 -19.54
N HIS A 56 -4.01 8.35 -20.96
CA HIS A 56 -3.34 7.87 -22.13
C HIS A 56 -4.38 7.62 -23.19
N GLU A 57 -5.47 6.96 -22.79
CA GLU A 57 -6.53 6.53 -23.73
C GLU A 57 -7.18 7.69 -24.39
N LEU A 58 -7.49 8.71 -23.61
CA LEU A 58 -8.10 9.90 -24.10
C LEU A 58 -7.23 10.65 -25.13
N LEU A 59 -5.94 10.89 -24.85
CA LEU A 59 -5.10 11.61 -25.80
C LEU A 59 -4.86 10.77 -27.07
N ALA A 60 -4.74 9.45 -26.91
CA ALA A 60 -4.39 8.63 -28.03
C ALA A 60 -5.58 8.57 -29.01
N ASP A 61 -6.75 8.91 -28.50
CA ASP A 61 -7.99 8.77 -29.19
C ASP A 61 -8.47 10.10 -29.76
N ASP A 62 -8.19 11.20 -29.10
CA ASP A 62 -8.33 12.52 -29.68
C ASP A 62 -7.44 12.74 -30.87
N TRP A 63 -6.24 12.16 -30.83
CA TRP A 63 -5.24 12.37 -31.84
C TRP A 63 -5.69 11.54 -33.03
N ASP A 64 -6.26 10.38 -32.77
CA ASP A 64 -6.81 9.60 -33.85
C ASP A 64 -8.01 10.33 -34.51
N LYS A 65 -8.90 10.88 -33.71
CA LYS A 65 -10.00 11.59 -34.27
C LYS A 65 -9.48 12.85 -35.02
N GLU A 66 -8.63 13.66 -34.40
CA GLU A 66 -8.14 14.88 -35.04
C GLU A 66 -7.40 14.58 -36.34
N LEU A 67 -7.18 13.30 -36.62
CA LEU A 67 -6.41 12.83 -37.76
C LEU A 67 -7.28 11.89 -38.63
N ARG A 68 -8.53 12.32 -38.72
CA ARG A 68 -9.58 11.63 -39.46
C ARG A 68 -10.35 12.76 -40.14
N ASP A 69 -10.78 13.75 -39.35
CA ASP A 69 -11.42 14.92 -39.91
C ASP A 69 -10.40 15.82 -40.64
N ILE A 70 -9.20 15.30 -40.90
CA ILE A 70 -8.17 16.11 -41.56
C ILE A 70 -7.63 15.42 -42.81
N THR A 71 -7.57 14.10 -42.77
CA THR A 71 -7.07 13.29 -43.88
C THR A 71 -8.28 12.89 -44.72
N ARG A 72 -8.18 13.14 -46.03
CA ARG A 72 -9.37 13.02 -46.89
C ARG A 72 -9.30 11.86 -47.93
N ASP A 73 -8.45 10.88 -47.61
CA ASP A 73 -8.18 9.72 -48.46
C ASP A 73 -7.25 8.69 -47.73
N PRO A 74 -7.82 7.94 -46.75
CA PRO A 74 -7.06 7.04 -45.87
C PRO A 74 -6.22 6.05 -46.67
N GLU A 75 -6.59 5.89 -47.94
CA GLU A 75 -5.86 5.08 -48.90
C GLU A 75 -4.33 5.23 -48.74
N ASP A 76 -3.75 6.35 -49.15
CA ASP A 76 -2.32 6.34 -49.48
C ASP A 76 -1.36 6.83 -48.40
N PRO A 77 -0.13 6.28 -48.42
CA PRO A 77 0.93 6.62 -47.47
C PRO A 77 1.07 8.13 -47.30
N LEU A 78 1.15 8.85 -48.41
CA LEU A 78 1.34 10.30 -48.40
C LEU A 78 0.20 11.10 -47.76
N GLU A 79 -1.06 10.78 -48.01
CA GLU A 79 -2.15 11.55 -47.35
C GLU A 79 -2.34 11.32 -45.83
N ARG A 80 -1.87 10.16 -45.34
CA ARG A 80 -1.76 9.88 -43.92
C ARG A 80 -0.58 10.68 -43.35
N LEU A 81 0.51 10.70 -44.09
CA LEU A 81 1.72 11.42 -43.69
C LEU A 81 1.46 12.92 -43.57
N ARG A 82 0.72 13.48 -44.53
CA ARG A 82 0.42 14.89 -44.49
C ARG A 82 -0.32 15.16 -43.18
N ALA A 83 -1.22 14.25 -42.84
CA ALA A 83 -2.07 14.37 -41.67
C ALA A 83 -1.30 14.25 -40.35
N VAL A 84 -0.45 13.23 -40.28
CA VAL A 84 0.55 13.08 -39.21
C VAL A 84 1.35 14.32 -38.99
N VAL A 85 1.85 14.93 -40.05
CA VAL A 85 2.62 16.15 -39.97
C VAL A 85 1.87 17.36 -39.42
N VAL A 86 0.64 17.55 -39.90
CA VAL A 86 -0.20 18.66 -39.48
C VAL A 86 -0.60 18.47 -38.03
N THR A 87 -1.02 17.25 -37.64
CA THR A 87 -1.41 17.06 -36.28
C THR A 87 -0.20 17.19 -35.40
N LEU A 88 0.95 16.58 -35.76
CA LEU A 88 2.12 16.78 -34.90
C LEU A 88 2.47 18.26 -34.73
N ALA A 89 2.50 19.02 -35.81
CA ALA A 89 2.76 20.47 -35.77
C ALA A 89 1.80 21.35 -34.97
N GLU A 90 0.51 21.00 -34.88
CA GLU A 90 -0.46 21.94 -34.26
C GLU A 90 -1.60 21.46 -33.36
N ASN A 91 -1.95 20.16 -33.34
CA ASN A 91 -2.93 19.72 -32.33
C ASN A 91 -2.49 18.61 -31.38
N VAL A 92 -1.32 18.81 -30.81
CA VAL A 92 -0.68 17.85 -29.97
C VAL A 92 0.34 18.71 -29.20
N SER A 93 0.31 18.72 -27.88
CA SER A 93 1.24 19.59 -27.16
C SER A 93 1.98 18.89 -26.01
N ARG A 94 2.16 19.55 -24.85
CA ARG A 94 3.04 19.00 -23.82
C ARG A 94 2.54 17.71 -23.12
N PRO A 95 1.21 17.64 -22.77
CA PRO A 95 0.65 16.43 -22.20
C PRO A 95 0.94 15.14 -22.99
N GLU A 96 0.70 15.11 -24.29
CA GLU A 96 1.08 13.95 -25.13
C GLU A 96 2.56 13.63 -25.10
N LEU A 97 3.41 14.66 -25.09
CA LEU A 97 4.85 14.39 -25.02
C LEU A 97 5.10 13.62 -23.70
N LEU A 98 4.62 14.18 -22.59
CA LEU A 98 4.77 13.57 -21.27
C LEU A 98 4.18 12.17 -21.17
N LEU A 99 3.00 11.97 -21.71
CA LEU A 99 2.44 10.67 -21.66
C LEU A 99 3.21 9.68 -22.52
N LEU A 100 3.60 10.08 -23.75
CA LEU A 100 4.45 9.22 -24.64
C LEU A 100 5.80 8.80 -23.99
N ILE A 101 6.45 9.72 -23.29
CA ILE A 101 7.60 9.32 -22.48
C ILE A 101 7.25 8.33 -21.36
N ASP A 102 6.15 8.56 -20.65
CA ASP A 102 5.75 7.69 -19.56
C ASP A 102 5.25 6.32 -20.04
N ALA A 103 4.69 6.24 -21.25
CA ALA A 103 3.97 5.05 -21.75
C ALA A 103 4.67 3.72 -21.67
N PRO A 104 6.00 3.66 -21.94
CA PRO A 104 6.71 2.37 -21.68
C PRO A 104 6.60 1.83 -20.23
N SER A 105 6.41 2.69 -19.22
CA SER A 105 6.33 2.21 -17.83
C SER A 105 5.27 1.07 -17.60
N HIS A 106 4.39 0.82 -18.56
CA HIS A 106 3.44 -0.25 -18.41
C HIS A 106 2.78 -0.62 -19.74
N PRO A 107 2.70 -1.92 -20.04
CA PRO A 107 2.00 -2.48 -21.19
C PRO A 107 0.60 -1.88 -21.46
N ASP A 108 -0.23 -1.67 -20.44
CA ASP A 108 -1.52 -1.01 -20.62
C ASP A 108 -1.39 0.34 -21.37
N PHE A 109 -0.33 1.11 -21.07
CA PHE A 109 -0.13 2.45 -21.64
C PHE A 109 0.36 2.36 -23.10
N LEU A 110 1.43 1.61 -23.33
CA LEU A 110 1.84 1.29 -24.71
C LEU A 110 0.62 0.96 -25.55
N ASN A 111 -0.18 0.01 -25.06
CA ASN A 111 -1.36 -0.51 -25.74
C ASN A 111 -2.37 0.57 -26.10
N ALA A 112 -2.51 1.57 -25.25
CA ALA A 112 -3.45 2.62 -25.58
C ALA A 112 -2.98 3.43 -26.81
N TRP A 113 -1.70 3.32 -27.19
CA TRP A 113 -1.13 4.09 -28.29
C TRP A 113 -0.89 3.22 -29.53
N ARG A 114 -1.29 1.93 -29.50
CA ARG A 114 -1.28 1.05 -30.69
C ARG A 114 -1.89 1.66 -31.95
N THR A 115 -3.17 1.98 -31.91
CA THR A 115 -3.82 2.53 -33.09
C THR A 115 -2.94 3.61 -33.77
N VAL A 116 -2.71 4.74 -33.09
CA VAL A 116 -1.83 5.80 -33.62
C VAL A 116 -0.37 5.33 -33.89
N ASN A 117 0.30 4.73 -32.91
CA ASN A 117 1.76 4.42 -33.03
C ASN A 117 2.19 3.56 -34.22
N HIS A 118 1.30 2.68 -34.71
CA HIS A 118 1.51 1.94 -35.99
C HIS A 118 0.17 1.74 -36.69
N GLN A 119 -0.05 2.46 -37.79
CA GLN A 119 -1.32 2.57 -38.55
C GLN A 119 -1.43 4.00 -39.07
N TRP A 120 -0.68 4.91 -38.45
CA TRP A 120 -0.62 6.30 -38.88
C TRP A 120 0.80 6.76 -39.08
N ILE A 121 1.60 6.64 -38.03
CA ILE A 121 3.03 6.86 -38.10
C ILE A 121 3.60 5.90 -39.15
N PRO A 122 4.38 6.44 -40.12
CA PRO A 122 4.95 5.55 -41.12
C PRO A 122 5.85 4.52 -40.48
N ASP A 123 6.09 3.41 -41.17
CA ASP A 123 6.97 2.31 -40.73
C ASP A 123 8.46 2.71 -40.70
N THR A 124 9.23 2.06 -39.83
CA THR A 124 10.68 2.22 -39.86
C THR A 124 11.29 1.08 -40.64
N ASP A 125 10.43 0.23 -41.21
CA ASP A 125 10.85 -0.97 -41.94
C ASP A 125 11.54 -0.60 -43.24
N ASP A 126 12.38 -1.54 -43.71
CA ASP A 126 12.97 -1.51 -45.05
C ASP A 126 13.53 -0.14 -45.38
N LEU A 127 14.44 0.31 -44.53
CA LEU A 127 14.84 1.72 -44.52
C LEU A 127 16.37 1.94 -44.69
N GLU A 128 17.11 0.85 -44.68
CA GLU A 128 18.50 0.90 -45.09
C GLU A 128 18.65 1.23 -46.59
N ASN A 129 17.77 0.68 -47.42
CA ASN A 129 18.01 0.70 -48.86
C ASN A 129 17.02 1.43 -49.80
N ASP A 130 15.90 1.89 -49.24
CA ASP A 130 14.86 2.58 -50.03
C ASP A 130 14.89 4.13 -49.85
N ALA A 131 15.36 4.83 -50.89
CA ALA A 131 15.43 6.29 -50.91
C ALA A 131 14.06 6.93 -50.59
N HIS A 132 13.04 6.60 -51.39
CA HIS A 132 11.64 6.98 -51.09
C HIS A 132 11.34 6.79 -49.58
N LYS A 133 11.67 5.62 -49.04
CA LYS A 133 11.27 5.35 -47.65
C LYS A 133 12.02 6.23 -46.60
N ARG A 134 13.26 6.62 -46.93
CA ARG A 134 14.04 7.61 -46.18
C ARG A 134 13.53 9.07 -46.30
N ALA A 135 13.13 9.47 -47.50
CA ALA A 135 12.43 10.77 -47.67
C ALA A 135 11.09 10.85 -46.90
N VAL A 136 10.36 9.75 -46.76
CA VAL A 136 9.18 9.85 -45.89
C VAL A 136 9.50 9.86 -44.41
N TYR A 137 10.52 9.11 -43.99
CA TYR A 137 10.86 9.08 -42.59
C TYR A 137 11.53 10.40 -42.16
N LEU A 138 12.25 11.04 -43.09
CA LEU A 138 12.85 12.36 -42.89
C LEU A 138 11.74 13.33 -42.50
N VAL A 139 10.69 13.39 -43.32
CA VAL A 139 9.50 14.16 -42.98
C VAL A 139 8.96 13.76 -41.59
N GLN A 140 9.09 12.50 -41.17
CA GLN A 140 8.47 12.07 -39.91
C GLN A 140 9.27 12.63 -38.76
N LEU A 141 10.58 12.70 -39.01
CA LEU A 141 11.50 13.14 -37.99
C LEU A 141 11.37 14.64 -37.73
N ALA A 142 11.15 15.38 -38.82
CA ALA A 142 11.02 16.82 -38.81
C ALA A 142 9.72 17.20 -38.11
N ALA A 143 8.62 16.63 -38.59
CA ALA A 143 7.35 16.77 -37.89
C ALA A 143 7.55 16.52 -36.38
N ASP A 144 8.20 15.41 -36.01
CA ASP A 144 8.45 15.07 -34.60
C ASP A 144 9.27 16.14 -33.92
N GLY A 145 10.17 16.76 -34.70
CA GLY A 145 11.05 17.77 -34.17
C GLY A 145 10.22 19.00 -33.83
N LEU A 146 9.21 19.30 -34.64
CA LEU A 146 8.41 20.50 -34.49
C LEU A 146 7.48 20.25 -33.35
N PHE A 147 7.00 19.01 -33.25
CA PHE A 147 6.13 18.66 -32.12
C PHE A 147 6.81 18.85 -30.79
N VAL A 148 8.07 18.41 -30.65
CA VAL A 148 8.75 18.52 -29.33
C VAL A 148 9.46 19.82 -29.09
N HIS A 149 9.64 20.62 -30.16
CA HIS A 149 10.44 21.86 -30.13
C HIS A 149 10.29 22.74 -28.91
N ASP A 150 9.08 23.24 -28.63
CA ASP A 150 8.93 24.21 -27.52
C ASP A 150 9.28 23.63 -26.13
N TYR A 151 9.33 22.30 -26.04
CA TYR A 151 9.51 21.64 -24.75
C TYR A 151 10.92 21.15 -24.46
N ILE A 152 11.78 21.07 -25.48
CA ILE A 152 13.18 20.73 -25.20
C ILE A 152 14.19 21.86 -25.52
N HIS A 153 13.70 22.89 -26.18
CA HIS A 153 14.49 24.10 -26.43
C HIS A 153 13.87 25.25 -25.66
N ASP A 154 14.72 26.02 -24.98
CA ASP A 154 14.27 27.09 -24.09
C ASP A 154 13.79 28.28 -24.92
N ASP A 155 12.88 28.01 -25.84
CA ASP A 155 12.48 28.99 -26.83
C ASP A 155 11.19 28.58 -27.55
N VAL A 156 10.06 29.08 -27.07
CA VAL A 156 8.79 28.89 -27.74
C VAL A 156 8.77 29.64 -29.10
N LEU A 157 8.30 28.96 -30.15
CA LEU A 157 8.08 29.58 -31.46
C LEU A 157 6.77 30.32 -31.48
N SER A 158 6.68 31.37 -32.30
CA SER A 158 5.37 32.00 -32.54
C SER A 158 4.64 31.19 -33.59
N LYS A 159 3.31 31.36 -33.61
CA LYS A 159 2.41 30.80 -34.63
C LYS A 159 2.90 30.92 -36.08
N SER A 160 3.44 32.09 -36.44
CA SER A 160 3.94 32.33 -37.79
C SER A 160 5.22 31.56 -38.04
N LYS A 161 6.16 31.57 -37.10
CA LYS A 161 7.39 30.76 -37.25
C LYS A 161 7.03 29.28 -37.45
N ARG A 162 5.99 28.87 -36.74
CA ARG A 162 5.55 27.49 -36.70
C ARG A 162 4.85 27.06 -38.00
N GLN A 163 4.06 27.98 -38.54
CA GLN A 163 3.41 27.75 -39.83
C GLN A 163 4.46 27.72 -40.96
N ALA A 164 5.45 28.60 -40.89
CA ALA A 164 6.46 28.61 -41.94
C ALA A 164 7.20 27.25 -41.95
N LEU A 166 6.07 24.43 -40.56
CA LEU A 166 5.10 23.40 -40.95
C LEU A 166 5.14 23.27 -42.47
N GLU A 167 5.12 24.44 -43.11
CA GLU A 167 5.02 24.51 -44.58
C GLU A 167 6.25 23.96 -45.25
N THR A 168 7.40 24.12 -44.60
CA THR A 168 8.67 23.62 -45.10
C THR A 168 8.77 22.07 -45.14
N ILE A 169 8.28 21.44 -44.05
CA ILE A 169 8.15 20.00 -43.96
C ILE A 169 7.15 19.52 -45.00
N LEU A 170 6.03 20.25 -45.11
CA LEU A 170 5.00 19.90 -46.10
C LEU A 170 5.47 19.90 -47.56
N GLU A 171 6.27 20.92 -47.97
CA GLU A 171 7.00 20.92 -49.28
C GLU A 171 7.76 19.61 -49.45
N LEU A 172 8.56 19.26 -48.44
CA LEU A 172 9.51 18.13 -48.49
C LEU A 172 8.94 16.73 -48.74
N ILE A 173 7.62 16.67 -48.93
CA ILE A 173 6.83 15.45 -49.06
C ILE A 173 7.05 14.83 -50.46
N PRO A 174 7.47 13.55 -50.56
CA PRO A 174 7.88 13.07 -51.90
C PRO A 174 6.70 12.88 -52.84
N THR B 3 39.69 11.46 -1.55
CA THR B 3 39.10 11.97 -2.84
C THR B 3 37.70 12.64 -2.63
N SER B 4 36.95 12.78 -3.72
CA SER B 4 35.59 13.34 -3.71
C SER B 4 34.74 12.57 -4.69
N LYS B 5 33.78 11.82 -4.15
CA LYS B 5 32.83 11.05 -4.94
C LYS B 5 31.83 11.93 -5.72
N LYS B 6 32.02 13.25 -5.71
CA LYS B 6 31.01 14.18 -6.24
C LYS B 6 30.62 13.97 -7.69
N GLU B 7 31.58 13.87 -8.62
CA GLU B 7 31.23 13.63 -10.04
C GLU B 7 30.68 12.22 -10.18
N ILE B 9 28.85 10.52 -8.03
CA ILE B 9 27.45 10.45 -7.56
C ILE B 9 26.48 10.88 -8.68
N LEU B 10 26.77 12.05 -9.27
CA LEU B 10 26.05 12.57 -10.43
C LEU B 10 25.99 11.55 -11.60
N ARG B 11 27.11 10.91 -11.89
CA ARG B 11 27.15 9.87 -12.92
C ARG B 11 26.28 8.68 -12.56
N THR B 12 26.35 8.29 -11.31
CA THR B 12 25.49 7.22 -10.88
C THR B 12 24.02 7.66 -11.00
N ALA B 13 23.72 8.88 -10.51
CA ALA B 13 22.37 9.46 -10.62
C ALA B 13 21.88 9.50 -12.04
N ILE B 14 22.72 9.97 -12.98
CA ILE B 14 22.39 9.93 -14.42
C ILE B 14 22.09 8.53 -14.90
N ASP B 15 22.96 7.59 -14.56
CA ASP B 15 22.76 6.22 -15.01
C ASP B 15 21.48 5.66 -14.43
N TYR B 16 21.26 5.92 -13.14
CA TYR B 16 20.03 5.53 -12.47
C TYR B 16 18.80 5.92 -13.27
N ILE B 17 18.70 7.18 -13.66
CA ILE B 17 17.42 7.68 -14.19
C ILE B 17 17.27 7.24 -15.63
N GLY B 18 18.39 6.95 -16.28
CA GLY B 18 18.40 6.42 -17.63
C GLY B 18 17.67 5.10 -17.59
N GLU B 19 18.19 4.16 -16.83
CA GLU B 19 17.58 2.85 -16.62
C GLU B 19 16.16 2.83 -16.04
N TYR B 20 15.78 3.86 -15.25
CA TYR B 20 14.51 3.90 -14.49
C TYR B 20 13.77 5.19 -14.77
N SER B 21 13.78 6.14 -13.82
CA SER B 21 13.39 7.52 -14.15
C SER B 21 13.58 8.51 -13.06
N LEU B 22 13.03 9.70 -13.25
CA LEU B 22 13.35 10.80 -12.40
C LEU B 22 12.57 10.71 -11.08
N GLU B 23 11.28 10.39 -11.18
CA GLU B 23 10.39 10.39 -10.00
C GLU B 23 10.77 9.38 -8.91
N THR B 24 11.51 8.34 -9.30
CA THR B 24 11.98 7.28 -8.44
C THR B 24 13.40 7.55 -7.89
N LEU B 25 14.08 8.54 -8.44
CA LEU B 25 15.41 8.94 -8.01
C LEU B 25 15.21 9.70 -6.72
N SER B 26 15.79 9.20 -5.64
CA SER B 26 15.65 9.80 -4.30
C SER B 26 16.98 9.67 -3.51
N TYR B 27 17.11 10.32 -2.37
CA TYR B 27 18.30 10.13 -1.58
C TYR B 27 18.51 8.64 -1.31
N ASP B 28 17.50 7.99 -0.75
CA ASP B 28 17.49 6.54 -0.50
C ASP B 28 17.89 5.70 -1.70
N SER B 29 17.19 5.84 -2.81
CA SER B 29 17.54 5.06 -4.00
C SER B 29 18.94 5.40 -4.55
N LEU B 30 19.33 6.66 -4.53
CA LEU B 30 20.73 7.02 -4.86
C LEU B 30 21.78 6.52 -3.80
N ALA B 31 21.40 6.39 -2.54
CA ALA B 31 22.30 5.75 -1.56
C ALA B 31 22.56 4.31 -1.96
N GLU B 32 21.49 3.57 -2.28
CA GLU B 32 21.64 2.20 -2.72
C GLU B 32 22.57 2.11 -3.94
N ALA B 33 22.28 2.88 -4.99
CA ALA B 33 23.10 2.87 -6.22
C ALA B 33 24.58 3.25 -6.03
N THR B 34 24.90 4.01 -4.98
CA THR B 34 26.26 4.53 -4.82
C THR B 34 26.99 3.84 -3.69
N GLY B 35 26.28 2.98 -2.98
CA GLY B 35 26.76 2.50 -1.70
C GLY B 35 27.19 3.63 -0.77
N LEU B 36 26.67 4.82 -0.95
CA LEU B 36 26.95 5.86 0.04
C LEU B 36 25.82 5.88 1.09
N SER B 37 25.91 6.76 2.07
CA SER B 37 24.82 6.93 3.02
C SER B 37 24.03 8.18 2.61
N LYS B 38 22.78 8.26 3.08
CA LYS B 38 21.97 9.45 2.85
C LYS B 38 22.74 10.66 3.37
N SER B 39 23.35 10.48 4.54
CA SER B 39 24.14 11.51 5.13
C SER B 39 25.29 11.91 4.20
N GLY B 40 26.03 10.93 3.69
CA GLY B 40 27.05 11.13 2.65
C GLY B 40 26.59 11.95 1.44
N LEU B 41 25.44 11.60 0.87
CA LEU B 41 24.87 12.32 -0.26
C LEU B 41 24.47 13.74 0.08
N ILE B 42 23.82 13.95 1.22
CA ILE B 42 23.44 15.29 1.69
C ILE B 42 24.62 16.22 1.96
N TYR B 43 25.75 15.64 2.32
CA TYR B 43 27.01 16.37 2.44
C TYR B 43 27.38 17.09 1.11
N HIS B 44 27.52 16.34 0.01
CA HIS B 44 27.65 16.92 -1.35
C HIS B 44 26.44 17.71 -1.91
N PHE B 45 25.22 17.27 -1.56
CA PHE B 45 23.98 17.81 -2.14
C PHE B 45 22.90 18.06 -1.11
N PRO B 46 22.98 19.21 -0.44
CA PRO B 46 22.09 19.57 0.68
C PRO B 46 20.58 19.43 0.41
N SER B 47 20.17 19.42 -0.85
CA SER B 47 18.76 19.21 -1.21
C SER B 47 18.71 18.50 -2.53
N ARG B 48 17.55 17.94 -2.87
CA ARG B 48 17.36 17.26 -4.16
C ARG B 48 17.47 18.25 -5.28
N HIS B 49 16.99 19.45 -5.05
CA HIS B 49 17.18 20.51 -6.04
C HIS B 49 18.66 20.63 -6.49
N ALA B 50 19.58 20.69 -5.51
CA ALA B 50 20.99 20.82 -5.79
C ALA B 50 21.54 19.60 -6.52
N LEU B 51 20.92 18.43 -6.32
CA LEU B 51 21.31 17.20 -7.03
C LEU B 51 20.82 17.17 -8.48
N LEU B 52 19.63 17.68 -8.74
CA LEU B 52 19.19 17.74 -10.11
C LEU B 52 20.04 18.77 -10.93
N LEU B 53 20.35 19.91 -10.34
CA LEU B 53 21.18 20.93 -11.00
C LEU B 53 22.55 20.39 -11.30
N GLY B 54 23.12 19.68 -10.36
CA GLY B 54 24.41 19.10 -10.61
C GLY B 54 24.32 18.32 -11.91
N HIS B 56 22.02 18.44 -14.49
CA HIS B 56 21.72 19.32 -15.60
C HIS B 56 22.98 20.00 -16.11
N GLU B 57 23.70 20.63 -15.18
CA GLU B 57 25.05 21.21 -15.34
C GLU B 57 26.05 20.21 -15.93
N LEU B 58 26.11 19.00 -15.40
CA LEU B 58 27.09 18.04 -15.85
C LEU B 58 26.81 17.59 -17.27
N LEU B 59 25.55 17.43 -17.63
CA LEU B 59 25.22 16.86 -18.91
C LEU B 59 25.27 17.88 -20.02
N ALA B 60 24.90 19.12 -19.72
CA ALA B 60 25.09 20.24 -20.62
C ALA B 60 26.59 20.54 -20.93
N ASP B 61 27.48 20.26 -19.97
CA ASP B 61 28.90 20.39 -20.22
C ASP B 61 29.40 19.19 -21.01
N ASP B 62 28.99 17.98 -20.71
CA ASP B 62 29.37 16.84 -21.58
C ASP B 62 29.02 17.17 -23.03
N TRP B 63 27.93 17.89 -23.24
CA TRP B 63 27.39 18.12 -24.56
C TRP B 63 28.16 19.26 -25.25
N ASP B 64 28.20 20.42 -24.61
CA ASP B 64 29.10 21.53 -24.99
C ASP B 64 30.54 21.09 -25.27
N LYS B 65 31.13 20.31 -24.37
CA LYS B 65 32.43 19.68 -24.68
C LYS B 65 32.38 18.89 -25.99
N GLU B 66 31.41 18.00 -26.09
CA GLU B 66 31.21 17.12 -27.27
C GLU B 66 31.03 17.93 -28.56
N LEU B 67 30.43 19.10 -28.43
CA LEU B 67 30.05 19.89 -29.59
C LEU B 67 31.24 20.62 -30.13
N ARG B 68 32.05 21.15 -29.23
CA ARG B 68 33.22 21.84 -29.69
C ARG B 68 34.32 20.84 -30.01
N ASP B 69 34.23 19.62 -29.48
CA ASP B 69 35.21 18.54 -29.78
C ASP B 69 35.16 18.03 -31.21
N ILE B 70 34.08 18.38 -31.90
CA ILE B 70 33.74 17.73 -33.16
C ILE B 70 33.45 18.83 -34.18
N THR B 71 33.48 20.06 -33.71
CA THR B 71 33.48 21.17 -34.62
C THR B 71 34.93 21.51 -34.99
N ARG B 72 35.25 21.18 -36.25
CA ARG B 72 36.48 21.60 -36.92
C ARG B 72 36.54 23.13 -37.06
N ASP B 73 35.65 23.74 -37.84
CA ASP B 73 35.66 25.20 -37.94
C ASP B 73 34.47 25.96 -37.28
N PRO B 74 34.67 26.47 -36.04
CA PRO B 74 33.54 27.09 -35.32
C PRO B 74 33.11 28.50 -35.79
N GLU B 75 33.74 29.02 -36.83
CA GLU B 75 33.21 30.24 -37.45
C GLU B 75 31.98 29.85 -38.24
N ASP B 76 32.05 28.64 -38.81
CA ASP B 76 31.15 28.18 -39.88
C ASP B 76 29.78 27.71 -39.34
N PRO B 77 28.70 28.47 -39.66
CA PRO B 77 27.37 28.14 -39.13
C PRO B 77 26.86 26.76 -39.57
N LEU B 78 27.27 26.33 -40.77
CA LEU B 78 26.96 25.00 -41.27
C LEU B 78 27.83 23.92 -40.61
N GLU B 79 29.04 24.29 -40.17
CA GLU B 79 29.88 23.30 -39.52
C GLU B 79 29.35 22.94 -38.12
N ARG B 80 28.87 23.94 -37.40
CA ARG B 80 28.37 23.71 -36.05
C ARG B 80 26.99 22.98 -36.13
N LEU B 81 26.19 23.34 -37.14
CA LEU B 81 24.98 22.64 -37.44
C LEU B 81 25.24 21.20 -37.71
N ARG B 82 26.37 20.85 -38.33
CA ARG B 82 26.69 19.44 -38.54
C ARG B 82 27.03 18.69 -37.25
N ALA B 83 27.79 19.34 -36.37
CA ALA B 83 28.11 18.71 -35.10
C ALA B 83 26.83 18.55 -34.25
N VAL B 84 26.01 19.58 -34.20
CA VAL B 84 24.75 19.52 -33.48
C VAL B 84 24.01 18.22 -33.85
N VAL B 85 23.76 18.06 -35.15
CA VAL B 85 23.06 16.90 -35.70
C VAL B 85 23.78 15.62 -35.26
N VAL B 86 25.10 15.64 -35.30
CA VAL B 86 25.82 14.42 -35.08
C VAL B 86 25.70 14.08 -33.62
N THR B 87 25.88 15.06 -32.72
CA THR B 87 25.89 14.69 -31.32
C THR B 87 24.49 14.46 -30.77
N LEU B 88 23.49 15.02 -31.46
CA LEU B 88 22.06 14.72 -31.27
C LEU B 88 21.64 13.30 -31.67
N ALA B 89 22.17 12.77 -32.78
CA ALA B 89 21.75 11.49 -33.31
C ALA B 89 22.53 10.34 -32.72
N GLU B 90 23.67 10.64 -32.12
CA GLU B 90 24.61 9.61 -31.66
C GLU B 90 24.94 9.68 -30.18
N ASN B 91 25.14 10.91 -29.66
CA ASN B 91 25.72 11.14 -28.29
C ASN B 91 24.84 11.67 -27.20
N VAL B 92 23.54 11.56 -27.34
CA VAL B 92 22.64 11.87 -26.21
C VAL B 92 21.63 10.70 -26.05
N SER B 93 21.22 10.41 -24.83
CA SER B 93 20.28 9.29 -24.68
C SER B 93 19.11 9.70 -23.81
N ARG B 94 18.55 8.74 -23.05
CA ARG B 94 17.40 9.01 -22.21
C ARG B 94 17.65 10.09 -21.14
N PRO B 95 18.64 9.87 -20.25
CA PRO B 95 18.84 10.82 -19.16
C PRO B 95 18.71 12.25 -19.66
N GLU B 96 19.37 12.48 -20.79
CA GLU B 96 19.43 13.73 -21.48
C GLU B 96 18.06 14.28 -21.86
N LEU B 97 17.21 13.40 -22.40
CA LEU B 97 15.80 13.76 -22.70
C LEU B 97 15.02 14.11 -21.40
N LEU B 98 15.11 13.24 -20.39
CA LEU B 98 14.35 13.48 -19.14
C LEU B 98 14.75 14.82 -18.52
N LEU B 99 16.04 15.13 -18.52
CA LEU B 99 16.50 16.41 -18.01
C LEU B 99 15.98 17.56 -18.86
N LEU B 100 16.12 17.45 -20.16
CA LEU B 100 15.64 18.55 -21.01
C LEU B 100 14.19 18.86 -20.69
N ILE B 101 13.38 17.82 -20.63
CA ILE B 101 11.95 17.96 -20.35
C ILE B 101 11.63 18.57 -18.94
N ASP B 102 12.39 18.14 -17.92
CA ASP B 102 12.32 18.65 -16.55
C ASP B 102 12.87 20.09 -16.47
N ALA B 103 13.85 20.44 -17.29
CA ALA B 103 14.56 21.74 -17.15
C ALA B 103 13.70 23.01 -16.96
N PRO B 104 12.64 23.19 -17.78
CA PRO B 104 11.86 24.45 -17.62
C PRO B 104 11.10 24.62 -16.30
N SER B 105 11.11 23.58 -15.45
CA SER B 105 10.43 23.66 -14.16
C SER B 105 11.19 24.48 -13.11
N HIS B 106 12.38 25.02 -13.45
CA HIS B 106 13.10 25.90 -12.52
C HIS B 106 14.23 26.71 -13.19
N PRO B 107 14.18 28.06 -13.07
CA PRO B 107 15.22 28.96 -13.54
C PRO B 107 16.65 28.43 -13.52
N ASP B 108 17.08 27.78 -12.44
CA ASP B 108 18.44 27.23 -12.38
C ASP B 108 18.66 26.16 -13.45
N PHE B 109 17.64 25.31 -13.67
CA PHE B 109 17.77 24.23 -14.64
C PHE B 109 17.83 24.76 -16.10
N LEU B 110 16.94 25.69 -16.43
CA LEU B 110 16.96 26.39 -17.71
C LEU B 110 18.36 26.97 -17.97
N ASN B 111 18.80 27.86 -17.08
CA ASN B 111 20.15 28.46 -17.13
C ASN B 111 21.31 27.49 -17.31
N ALA B 112 21.19 26.27 -16.82
CA ALA B 112 22.32 25.38 -16.92
C ALA B 112 22.41 24.83 -18.35
N TRP B 113 21.34 25.02 -19.13
CA TRP B 113 21.32 24.57 -20.51
C TRP B 113 21.56 25.73 -21.46
N ARG B 114 21.91 26.88 -20.91
CA ARG B 114 21.98 28.11 -21.67
C ARG B 114 23.09 28.05 -22.74
N THR B 115 24.27 27.48 -22.41
CA THR B 115 25.32 27.33 -23.42
C THR B 115 24.80 26.54 -24.63
N VAL B 116 24.61 25.24 -24.46
CA VAL B 116 24.20 24.37 -25.57
C VAL B 116 22.90 24.82 -26.30
N ASN B 117 22.13 25.72 -25.70
CA ASN B 117 20.89 26.13 -26.37
C ASN B 117 21.05 27.45 -27.09
N HIS B 118 22.14 28.14 -26.85
CA HIS B 118 22.32 29.47 -27.38
C HIS B 118 23.50 29.54 -28.34
N GLN B 119 24.61 28.95 -27.93
CA GLN B 119 25.83 28.89 -28.72
C GLN B 119 25.82 27.80 -29.78
N TRP B 120 24.72 27.06 -29.90
CA TRP B 120 24.68 25.84 -30.74
C TRP B 120 23.38 25.59 -31.48
N ILE B 121 22.29 26.11 -30.96
CA ILE B 121 21.01 25.86 -31.57
C ILE B 121 20.81 27.02 -32.54
N PRO B 122 20.50 26.73 -33.82
CA PRO B 122 20.38 27.82 -34.79
C PRO B 122 19.21 28.74 -34.48
N ASP B 123 19.10 29.84 -35.19
CA ASP B 123 18.17 30.89 -34.77
C ASP B 123 16.92 31.07 -35.60
N THR B 124 15.80 31.04 -34.88
CA THR B 124 14.47 31.28 -35.36
C THR B 124 14.22 32.74 -35.80
N ASP B 125 15.08 33.30 -36.68
CA ASP B 125 14.99 34.75 -36.97
C ASP B 125 14.46 35.21 -38.32
N ASP B 126 13.22 35.64 -38.31
CA ASP B 126 12.45 35.94 -39.51
C ASP B 126 12.61 34.85 -40.60
N LEU B 127 12.45 33.60 -40.19
CA LEU B 127 12.47 32.51 -41.17
C LEU B 127 11.16 32.47 -41.96
N GLU B 128 10.12 33.14 -41.45
CA GLU B 128 8.86 33.41 -42.20
C GLU B 128 9.08 33.95 -43.62
N ASN B 129 9.99 34.92 -43.76
CA ASN B 129 10.50 35.32 -45.09
C ASN B 129 12.04 35.21 -45.19
N ASP B 130 12.53 33.98 -45.44
CA ASP B 130 13.96 33.63 -45.71
C ASP B 130 14.18 32.13 -45.96
N ALA B 131 14.21 31.72 -47.22
CA ALA B 131 14.36 30.29 -47.57
C ALA B 131 15.56 29.52 -46.94
N HIS B 132 16.73 30.17 -46.83
CA HIS B 132 17.97 29.45 -46.48
C HIS B 132 17.93 29.16 -45.00
N LYS B 133 17.63 30.19 -44.22
CA LYS B 133 17.51 30.13 -42.77
C LYS B 133 16.51 29.02 -42.38
N ARG B 134 15.36 28.99 -43.03
CA ARG B 134 14.34 27.96 -42.76
C ARG B 134 14.80 26.54 -43.18
N ALA B 135 15.59 26.43 -44.25
CA ALA B 135 16.13 25.11 -44.63
C ALA B 135 17.23 24.68 -43.65
N VAL B 136 17.74 25.63 -42.88
CA VAL B 136 18.68 25.34 -41.83
C VAL B 136 17.87 24.89 -40.61
N TYR B 137 16.65 25.41 -40.46
CA TYR B 137 15.86 25.00 -39.31
C TYR B 137 15.29 23.58 -39.46
N LEU B 138 14.88 23.30 -40.68
CA LEU B 138 14.40 22.01 -41.04
C LEU B 138 15.37 20.92 -40.57
N VAL B 139 16.67 21.12 -40.81
CA VAL B 139 17.71 20.16 -40.46
C VAL B 139 17.73 19.93 -38.93
N GLN B 140 17.59 21.03 -38.19
CA GLN B 140 17.59 21.06 -36.74
C GLN B 140 16.37 20.31 -36.25
N LEU B 141 15.22 20.67 -36.80
CA LEU B 141 13.99 19.94 -36.67
C LEU B 141 14.10 18.40 -36.90
N ALA B 142 14.65 17.95 -38.01
CA ALA B 142 14.89 16.52 -38.17
C ALA B 142 15.89 15.94 -37.15
N ALA B 143 16.93 16.70 -36.80
CA ALA B 143 17.86 16.16 -35.83
C ALA B 143 17.16 15.92 -34.48
N ASP B 144 16.37 16.91 -34.03
CA ASP B 144 15.62 16.79 -32.76
C ASP B 144 14.72 15.55 -32.84
N GLY B 145 14.05 15.37 -33.98
CA GLY B 145 13.27 14.17 -34.23
C GLY B 145 14.04 12.85 -34.08
N LEU B 146 15.33 12.85 -34.43
CA LEU B 146 16.09 11.62 -34.36
C LEU B 146 16.63 11.45 -32.94
N PHE B 147 16.79 12.58 -32.24
CA PHE B 147 17.11 12.52 -30.82
C PHE B 147 15.96 11.91 -30.01
N VAL B 148 14.72 12.24 -30.33
CA VAL B 148 13.62 11.79 -29.48
C VAL B 148 13.04 10.49 -29.97
N HIS B 149 13.35 10.09 -31.19
CA HIS B 149 12.66 8.95 -31.81
C HIS B 149 12.34 7.81 -30.88
N ASP B 150 13.38 7.27 -30.27
CA ASP B 150 13.27 6.01 -29.56
C ASP B 150 12.38 6.13 -28.31
N TYR B 151 12.08 7.34 -27.84
CA TYR B 151 11.41 7.54 -26.55
C TYR B 151 9.97 7.96 -26.71
N ILE B 152 9.64 8.20 -27.97
CA ILE B 152 8.38 8.76 -28.37
C ILE B 152 7.61 7.76 -29.23
N HIS B 153 8.28 6.85 -29.92
CA HIS B 153 7.58 6.01 -30.92
C HIS B 153 7.40 4.52 -30.62
N ASP B 154 8.03 4.03 -29.55
CA ASP B 154 7.92 2.62 -29.18
C ASP B 154 8.30 1.80 -30.42
N ASP B 155 9.57 1.94 -30.79
CA ASP B 155 10.16 1.38 -32.00
C ASP B 155 11.66 1.80 -32.02
N VAL B 156 12.44 1.34 -31.04
CA VAL B 156 13.88 1.61 -31.08
C VAL B 156 14.45 1.29 -32.46
N LEU B 157 15.11 2.29 -33.05
CA LEU B 157 15.85 2.17 -34.31
C LEU B 157 17.10 1.34 -34.10
N SER B 158 17.39 0.46 -35.06
CA SER B 158 18.71 -0.21 -35.07
C SER B 158 19.83 0.82 -35.29
N LYS B 159 21.01 0.46 -34.80
CA LYS B 159 22.24 1.15 -35.14
C LYS B 159 22.24 1.47 -36.64
N SER B 160 21.92 0.50 -37.50
CA SER B 160 22.10 0.74 -38.94
C SER B 160 21.09 1.77 -39.49
N LYS B 161 19.84 1.68 -39.03
CA LYS B 161 18.77 2.57 -39.51
C LYS B 161 18.97 4.00 -38.95
N ARG B 162 19.55 4.06 -37.77
CA ARG B 162 19.83 5.32 -37.13
C ARG B 162 20.93 6.09 -37.91
N GLN B 163 21.97 5.37 -38.35
CA GLN B 163 23.02 5.92 -39.24
C GLN B 163 22.51 6.37 -40.60
N ALA B 164 21.69 5.51 -41.22
CA ALA B 164 20.96 5.81 -42.47
C ALA B 164 20.18 7.11 -42.43
N LEU B 166 20.66 9.40 -40.10
CA LEU B 166 21.54 10.53 -39.77
C LEU B 166 22.15 11.08 -41.09
N GLU B 167 22.70 10.15 -41.90
CA GLU B 167 23.20 10.50 -43.24
C GLU B 167 22.24 11.32 -44.06
N THR B 168 20.96 10.97 -44.03
CA THR B 168 19.93 11.69 -44.78
C THR B 168 19.68 13.14 -44.34
N ILE B 169 19.68 13.37 -43.03
CA ILE B 169 19.57 14.72 -42.46
C ILE B 169 20.82 15.54 -42.86
N LEU B 170 22.02 14.96 -42.69
CA LEU B 170 23.29 15.59 -43.10
C LEU B 170 23.34 16.01 -44.60
N GLU B 171 22.87 15.12 -45.48
CA GLU B 171 22.78 15.41 -46.92
C GLU B 171 21.82 16.59 -47.17
N LEU B 172 20.93 16.86 -46.21
CA LEU B 172 19.97 17.95 -46.38
C LEU B 172 20.55 19.32 -46.00
N ILE B 173 21.88 19.39 -45.83
CA ILE B 173 22.54 20.52 -45.18
C ILE B 173 22.48 21.91 -45.89
N PRO B 174 23.53 22.40 -46.60
CA PRO B 174 23.40 23.87 -46.80
C PRO B 174 21.94 24.28 -47.07
N SER C 4 15.57 1.49 26.60
CA SER C 4 15.67 1.67 25.11
C SER C 4 14.34 2.24 24.62
N LYS C 5 14.43 3.13 23.61
CA LYS C 5 13.26 3.80 23.05
C LYS C 5 12.26 2.81 22.45
N LYS C 6 12.79 1.75 21.83
CA LYS C 6 12.00 0.63 21.34
C LYS C 6 11.09 0.02 22.39
N GLU C 7 11.64 -0.43 23.50
CA GLU C 7 10.85 -1.03 24.58
C GLU C 7 9.81 -0.06 25.16
N ILE C 9 8.23 2.45 23.55
CA ILE C 9 7.14 2.57 22.59
C ILE C 9 6.23 1.36 22.65
N LEU C 10 6.83 0.16 22.76
CA LEU C 10 6.10 -1.07 22.84
C LEU C 10 5.28 -1.09 24.11
N ARG C 11 5.88 -0.60 25.23
CA ARG C 11 5.14 -0.52 26.53
C ARG C 11 3.91 0.36 26.42
N THR C 12 4.07 1.53 25.81
CA THR C 12 2.92 2.40 25.56
C THR C 12 1.88 1.78 24.64
N ALA C 13 2.31 0.97 23.67
CA ALA C 13 1.34 0.34 22.73
C ALA C 13 0.53 -0.72 23.46
N ILE C 14 1.17 -1.42 24.40
CA ILE C 14 0.53 -2.44 25.23
C ILE C 14 -0.52 -1.80 26.16
N ASP C 15 -0.20 -0.67 26.74
CA ASP C 15 -1.24 -0.07 27.56
C ASP C 15 -2.34 0.40 26.66
N TYR C 16 -1.96 0.97 25.51
CA TYR C 16 -2.97 1.46 24.59
C TYR C 16 -3.98 0.37 24.25
N ILE C 17 -3.53 -0.85 23.95
CA ILE C 17 -4.51 -1.84 23.55
C ILE C 17 -5.37 -2.34 24.71
N GLY C 18 -4.79 -2.44 25.90
CA GLY C 18 -5.52 -2.72 27.15
C GLY C 18 -6.70 -1.78 27.35
N GLU C 19 -6.48 -0.48 27.13
CA GLU C 19 -7.49 0.55 27.23
C GLU C 19 -8.46 0.55 26.04
N TYR C 20 -7.98 0.36 24.80
CA TYR C 20 -8.87 0.33 23.61
C TYR C 20 -8.86 -1.02 22.88
N SER C 21 -8.08 -1.16 21.78
CA SER C 21 -7.93 -2.46 21.05
C SER C 21 -6.86 -2.43 19.98
N LEU C 22 -6.52 -3.61 19.43
CA LEU C 22 -5.55 -3.71 18.32
C LEU C 22 -6.00 -2.96 17.10
N GLU C 23 -7.31 -2.99 16.85
CA GLU C 23 -7.90 -2.42 15.63
C GLU C 23 -7.83 -0.88 15.57
N THR C 24 -7.56 -0.22 16.69
CA THR C 24 -7.51 1.22 16.65
C THR C 24 -6.11 1.65 17.01
N LEU C 25 -5.25 0.63 17.11
CA LEU C 25 -3.81 0.84 17.23
C LEU C 25 -3.27 1.15 15.84
N SER C 26 -2.85 2.40 15.69
CA SER C 26 -2.39 2.90 14.43
C SER C 26 -1.15 3.69 14.75
N TYR C 27 -0.32 3.93 13.74
CA TYR C 27 0.87 4.74 13.99
C TYR C 27 0.45 6.10 14.57
N ASP C 28 -0.72 6.56 14.15
CA ASP C 28 -1.15 7.89 14.55
C ASP C 28 -1.64 7.93 15.97
N SER C 29 -2.55 7.02 16.31
CA SER C 29 -3.02 6.98 17.66
C SER C 29 -1.83 6.62 18.58
N LEU C 30 -0.84 5.87 18.07
CA LEU C 30 0.31 5.58 18.91
C LEU C 30 1.31 6.75 19.06
N ALA C 31 1.31 7.69 18.10
CA ALA C 31 2.17 8.87 18.21
C ALA C 31 1.73 9.80 19.38
N GLU C 32 0.43 10.02 19.51
CA GLU C 32 -0.12 10.70 20.69
C GLU C 32 0.40 10.09 21.99
N ALA C 33 -0.15 8.91 22.31
CA ALA C 33 0.16 8.20 23.52
C ALA C 33 1.64 8.17 23.85
N THR C 34 2.54 8.20 22.87
CA THR C 34 3.96 8.14 23.17
C THR C 34 4.64 9.51 23.10
N GLY C 35 3.92 10.51 22.59
CA GLY C 35 4.52 11.83 22.42
C GLY C 35 5.38 12.02 21.18
N LEU C 36 5.91 10.93 20.61
CA LEU C 36 6.68 10.98 19.34
C LEU C 36 5.84 11.32 18.14
N SER C 37 6.45 11.79 17.05
CA SER C 37 5.73 11.97 15.78
C SER C 37 5.40 10.63 15.11
N LYS C 38 4.43 10.63 14.23
CA LYS C 38 4.13 9.49 13.45
C LYS C 38 5.38 8.93 12.75
N SER C 39 6.19 9.81 12.17
CA SER C 39 7.43 9.41 11.49
C SER C 39 8.54 8.87 12.36
N GLY C 40 8.77 9.46 13.52
CA GLY C 40 9.79 8.95 14.44
C GLY C 40 9.45 7.54 14.89
N LEU C 41 8.16 7.33 15.09
CA LEU C 41 7.62 6.01 15.40
C LEU C 41 8.01 4.97 14.36
N ILE C 42 7.84 5.33 13.09
CA ILE C 42 8.13 4.45 11.97
C ILE C 42 9.63 4.25 11.86
N TYR C 43 10.41 5.26 12.20
CA TYR C 43 11.85 5.05 12.29
C TYR C 43 12.08 3.82 13.16
N HIS C 44 11.44 3.76 14.32
CA HIS C 44 11.69 2.63 15.24
C HIS C 44 11.05 1.32 14.80
N PHE C 45 9.82 1.40 14.30
CA PHE C 45 9.07 0.22 13.82
C PHE C 45 8.62 0.49 12.42
N PRO C 46 9.39 -0.04 11.46
CA PRO C 46 9.34 0.41 10.04
C PRO C 46 8.11 -0.15 9.30
N SER C 47 7.47 -1.17 9.84
CA SER C 47 6.19 -1.56 9.37
C SER C 47 5.29 -1.88 10.58
N ARG C 48 3.98 -1.90 10.34
CA ARG C 48 3.02 -2.29 11.33
C ARG C 48 3.22 -3.70 11.87
N HIS C 49 3.44 -4.67 10.99
CA HIS C 49 3.85 -6.02 11.36
C HIS C 49 5.06 -6.03 12.36
N ALA C 50 6.12 -5.26 12.11
CA ALA C 50 7.21 -5.17 13.09
C ALA C 50 6.71 -4.67 14.47
N LEU C 51 5.82 -3.69 14.47
CA LEU C 51 5.37 -3.14 15.73
C LEU C 51 4.64 -4.24 16.48
N LEU C 52 3.72 -4.94 15.80
CA LEU C 52 3.00 -6.03 16.42
C LEU C 52 3.89 -7.19 16.83
N LEU C 53 4.87 -7.55 16.01
CA LEU C 53 5.85 -8.59 16.38
C LEU C 53 6.57 -8.21 17.69
N GLY C 54 7.00 -6.94 17.79
CA GLY C 54 7.54 -6.36 19.03
C GLY C 54 6.67 -6.67 20.25
N HIS C 56 3.96 -8.84 20.63
CA HIS C 56 3.86 -10.25 20.97
C HIS C 56 5.12 -10.68 21.73
N GLU C 57 6.30 -10.30 21.25
CA GLU C 57 7.58 -10.78 21.80
C GLU C 57 7.86 -10.26 23.20
N LEU C 58 7.59 -8.98 23.42
CA LEU C 58 7.72 -8.35 24.72
C LEU C 58 6.83 -9.03 25.80
N LEU C 59 5.53 -9.12 25.54
CA LEU C 59 4.65 -9.84 26.45
C LEU C 59 5.02 -11.33 26.63
N ALA C 60 5.41 -12.04 25.56
CA ALA C 60 5.69 -13.45 25.68
C ALA C 60 6.87 -13.59 26.63
N ASP C 61 7.89 -12.76 26.42
CA ASP C 61 9.06 -12.65 27.30
C ASP C 61 8.84 -12.27 28.76
N ASP C 62 8.17 -11.15 29.01
CA ASP C 62 7.66 -10.82 30.34
C ASP C 62 6.94 -12.00 30.99
N TRP C 63 6.25 -12.85 30.24
CA TRP C 63 5.50 -13.94 30.86
C TRP C 63 6.43 -15.06 31.26
N ASP C 64 7.33 -15.43 30.37
CA ASP C 64 8.45 -16.29 30.74
C ASP C 64 9.33 -15.69 31.89
N LYS C 65 9.51 -14.38 31.93
CA LYS C 65 10.25 -13.82 33.06
C LYS C 65 9.49 -14.03 34.40
N GLU C 66 8.34 -13.39 34.58
CA GLU C 66 7.63 -13.50 35.86
C GLU C 66 7.37 -14.92 36.32
N LEU C 67 7.33 -15.88 35.42
CA LEU C 67 7.05 -17.22 35.88
C LEU C 67 8.33 -18.02 36.07
N ARG C 68 9.43 -17.28 36.14
CA ARG C 68 10.71 -17.84 36.47
C ARG C 68 11.15 -17.20 37.78
N ASP C 69 10.93 -15.90 37.90
CA ASP C 69 11.07 -15.26 39.21
C ASP C 69 10.02 -15.75 40.22
N ILE C 70 9.18 -16.74 39.90
CA ILE C 70 8.14 -17.14 40.86
C ILE C 70 8.17 -18.61 41.24
N THR C 71 8.82 -19.43 40.42
CA THR C 71 9.02 -20.82 40.76
C THR C 71 10.46 -21.00 41.25
N ARG C 72 10.60 -21.45 42.50
CA ARG C 72 11.93 -21.73 43.05
C ARG C 72 12.26 -23.23 43.00
N ASP C 73 11.45 -23.99 42.26
CA ASP C 73 11.75 -25.41 41.91
C ASP C 73 11.19 -25.78 40.52
N PRO C 74 11.93 -25.41 39.44
CA PRO C 74 11.60 -25.75 38.05
C PRO C 74 11.36 -27.22 37.77
N GLU C 75 11.81 -28.11 38.66
CA GLU C 75 11.64 -29.57 38.52
C GLU C 75 10.17 -29.99 38.36
N ASP C 76 9.45 -30.18 39.48
CA ASP C 76 8.09 -30.75 39.44
C ASP C 76 7.10 -29.93 38.63
N PRO C 77 6.35 -30.61 37.73
CA PRO C 77 5.25 -30.03 36.95
C PRO C 77 4.29 -29.29 37.87
N LEU C 78 4.34 -29.64 39.15
CA LEU C 78 3.47 -29.07 40.18
C LEU C 78 3.93 -27.68 40.60
N GLU C 79 5.24 -27.46 40.68
CA GLU C 79 5.77 -26.12 41.01
C GLU C 79 5.68 -25.18 39.79
N ARG C 80 5.86 -25.74 38.60
CA ARG C 80 5.60 -25.00 37.41
C ARG C 80 4.14 -24.58 37.44
N LEU C 81 3.26 -25.56 37.69
CA LEU C 81 1.81 -25.38 37.64
C LEU C 81 1.38 -24.30 38.61
N ARG C 82 2.06 -24.22 39.75
CA ARG C 82 1.81 -23.13 40.74
C ARG C 82 2.10 -21.74 40.15
N ALA C 83 3.12 -21.69 39.32
CA ALA C 83 3.65 -20.46 38.80
C ALA C 83 2.69 -19.94 37.76
N VAL C 84 2.10 -20.89 37.02
CA VAL C 84 1.13 -20.64 35.97
C VAL C 84 -0.14 -19.99 36.56
N VAL C 85 -0.61 -20.54 37.66
CA VAL C 85 -1.86 -20.09 38.24
C VAL C 85 -1.72 -18.68 38.77
N VAL C 86 -0.65 -18.45 39.53
CA VAL C 86 -0.39 -17.15 40.12
C VAL C 86 -0.19 -16.11 39.03
N THR C 87 0.69 -16.35 38.05
CA THR C 87 0.87 -15.34 37.01
C THR C 87 -0.45 -15.07 36.28
N LEU C 88 -1.23 -16.12 35.97
CA LEU C 88 -2.50 -15.92 35.25
C LEU C 88 -3.47 -15.14 36.12
N ALA C 89 -3.54 -15.53 37.38
CA ALA C 89 -4.35 -14.83 38.37
C ALA C 89 -3.96 -13.39 38.62
N GLU C 90 -2.67 -13.09 38.71
CA GLU C 90 -2.33 -11.75 39.23
C GLU C 90 -1.45 -10.79 38.41
N ASN C 91 -0.74 -11.24 37.36
CA ASN C 91 0.13 -10.31 36.62
C ASN C 91 0.18 -10.50 35.07
N VAL C 92 -0.98 -10.80 34.51
CA VAL C 92 -1.14 -10.88 33.08
C VAL C 92 -2.55 -10.29 32.88
N SER C 93 -2.73 -9.32 31.99
CA SER C 93 -4.09 -8.73 31.87
C SER C 93 -4.66 -8.74 30.47
N ARG C 94 -5.40 -7.68 30.18
CA ARG C 94 -6.19 -7.58 28.95
C ARG C 94 -5.37 -7.61 27.67
N PRO C 95 -4.25 -6.84 27.63
CA PRO C 95 -3.35 -6.88 26.48
C PRO C 95 -2.86 -8.29 26.13
N GLU C 96 -2.48 -9.11 27.11
CA GLU C 96 -2.05 -10.49 26.83
C GLU C 96 -3.17 -11.31 26.23
N LEU C 97 -4.40 -11.04 26.63
CA LEU C 97 -5.50 -11.79 26.12
C LEU C 97 -5.72 -11.38 24.63
N LEU C 98 -5.81 -10.06 24.38
CA LEU C 98 -5.82 -9.44 23.04
C LEU C 98 -4.80 -9.97 22.05
N LEU C 99 -3.53 -10.06 22.45
CA LEU C 99 -2.50 -10.57 21.56
C LEU C 99 -2.56 -12.09 21.41
N LEU C 100 -2.94 -12.81 22.46
CA LEU C 100 -3.16 -14.27 22.33
C LEU C 100 -4.28 -14.64 21.34
N ILE C 101 -5.40 -13.94 21.39
CA ILE C 101 -6.41 -14.04 20.35
C ILE C 101 -5.89 -13.71 18.94
N ASP C 102 -5.14 -12.61 18.82
CA ASP C 102 -4.65 -12.17 17.54
C ASP C 102 -3.53 -12.99 16.89
N ALA C 103 -2.84 -13.75 17.72
CA ALA C 103 -1.64 -14.48 17.34
C ALA C 103 -1.81 -15.39 16.12
N PRO C 104 -2.90 -16.18 16.04
CA PRO C 104 -3.01 -16.98 14.79
C PRO C 104 -2.85 -16.23 13.49
N SER C 105 -3.04 -14.93 13.45
CA SER C 105 -3.13 -14.24 12.17
C SER C 105 -1.79 -14.14 11.44
N HIS C 106 -0.70 -14.54 12.09
CA HIS C 106 0.60 -14.60 11.43
C HIS C 106 1.48 -15.59 12.17
N PRO C 107 2.22 -16.45 11.43
CA PRO C 107 3.14 -17.44 11.97
C PRO C 107 4.18 -16.80 12.89
N ASP C 108 4.74 -15.66 12.50
CA ASP C 108 5.66 -14.95 13.37
C ASP C 108 5.09 -14.72 14.78
N PHE C 109 3.78 -14.43 14.85
CA PHE C 109 3.14 -14.12 16.13
C PHE C 109 3.07 -15.38 16.96
N LEU C 110 2.51 -16.44 16.37
CA LEU C 110 2.56 -17.79 16.99
C LEU C 110 3.95 -18.16 17.50
N ASN C 111 4.95 -17.96 16.65
CA ASN C 111 6.30 -18.38 16.96
C ASN C 111 6.86 -17.71 18.21
N ALA C 112 6.49 -16.44 18.44
CA ALA C 112 6.86 -15.68 19.62
C ALA C 112 6.30 -16.24 20.94
N TRP C 113 5.16 -16.91 20.89
CA TRP C 113 4.55 -17.45 22.09
C TRP C 113 4.90 -18.94 22.27
N ARG C 114 5.52 -19.52 21.24
CA ARG C 114 5.84 -20.93 21.23
C ARG C 114 6.66 -21.32 22.47
N THR C 115 7.81 -20.65 22.70
CA THR C 115 8.61 -20.86 23.92
C THR C 115 7.74 -21.04 25.19
N VAL C 116 7.00 -19.99 25.57
CA VAL C 116 6.07 -20.06 26.72
C VAL C 116 5.02 -21.18 26.60
N ASN C 117 4.18 -21.13 25.55
CA ASN C 117 2.94 -21.98 25.40
C ASN C 117 3.13 -23.50 25.51
N HIS C 118 4.37 -23.94 25.73
CA HIS C 118 4.83 -25.33 25.61
C HIS C 118 6.21 -25.29 26.24
N GLN C 119 6.24 -25.59 27.54
CA GLN C 119 7.35 -25.37 28.48
C GLN C 119 6.75 -25.06 29.88
N TRP C 120 5.70 -24.24 29.89
CA TRP C 120 5.00 -23.92 31.14
C TRP C 120 3.59 -24.51 31.19
N ILE C 121 3.10 -24.96 30.03
CA ILE C 121 1.73 -25.44 29.93
C ILE C 121 1.71 -26.94 30.17
N PRO C 122 0.86 -27.41 31.11
CA PRO C 122 0.76 -28.85 31.40
C PRO C 122 0.44 -29.65 30.13
N ASP C 123 0.58 -30.97 30.19
CA ASP C 123 0.38 -31.80 28.99
C ASP C 123 -1.02 -32.45 28.92
N THR C 124 -1.68 -32.22 27.79
CA THR C 124 -3.03 -32.75 27.53
C THR C 124 -2.95 -34.24 27.19
N ASP C 125 -1.72 -34.71 27.03
CA ASP C 125 -1.39 -35.90 26.23
C ASP C 125 -1.66 -37.22 26.96
N ASP C 126 -2.80 -37.82 26.63
CA ASP C 126 -3.38 -39.03 27.28
C ASP C 126 -4.36 -38.70 28.44
N LEU C 127 -4.77 -37.43 28.52
CA LEU C 127 -5.70 -36.88 29.53
C LEU C 127 -7.00 -37.70 29.75
N GLU C 128 -7.43 -38.33 28.67
CA GLU C 128 -8.65 -39.13 28.65
C GLU C 128 -8.66 -40.23 29.73
N ASN C 129 -7.49 -40.82 29.98
CA ASN C 129 -7.39 -41.97 30.86
C ASN C 129 -6.66 -41.77 32.21
N ASP C 130 -6.13 -40.56 32.43
CA ASP C 130 -5.33 -40.26 33.62
C ASP C 130 -5.99 -39.22 34.55
N ALA C 131 -6.72 -39.69 35.56
CA ALA C 131 -7.43 -38.84 36.54
C ALA C 131 -6.58 -37.70 37.14
N HIS C 132 -5.33 -38.03 37.46
CA HIS C 132 -4.41 -37.06 38.05
C HIS C 132 -4.06 -35.99 36.99
N LYS C 133 -3.84 -36.41 35.75
CA LYS C 133 -3.61 -35.50 34.63
C LYS C 133 -4.82 -34.60 34.32
N ARG C 134 -6.04 -35.07 34.62
CA ARG C 134 -7.25 -34.24 34.58
C ARG C 134 -7.44 -33.33 35.81
N ALA C 135 -6.69 -33.60 36.87
CA ALA C 135 -6.83 -32.82 38.08
C ALA C 135 -6.00 -31.57 37.92
N VAL C 136 -4.83 -31.72 37.28
CA VAL C 136 -3.92 -30.60 36.97
C VAL C 136 -4.44 -29.73 35.82
N TYR C 137 -4.98 -30.33 34.76
CA TYR C 137 -5.57 -29.54 33.69
C TYR C 137 -6.80 -28.75 34.18
N LEU C 138 -7.51 -29.27 35.17
CA LEU C 138 -8.63 -28.57 35.79
C LEU C 138 -8.15 -27.27 36.38
N VAL C 139 -6.98 -27.31 37.02
CA VAL C 139 -6.29 -26.11 37.60
C VAL C 139 -5.88 -25.12 36.51
N GLN C 140 -5.15 -25.60 35.51
CA GLN C 140 -4.91 -24.86 34.30
C GLN C 140 -6.18 -24.13 33.78
N LEU C 141 -7.29 -24.87 33.70
CA LEU C 141 -8.52 -24.32 33.16
C LEU C 141 -9.10 -23.27 34.09
N ALA C 142 -9.06 -23.53 35.38
CA ALA C 142 -9.56 -22.55 36.32
C ALA C 142 -8.73 -21.27 36.26
N ALA C 143 -7.42 -21.39 36.03
CA ALA C 143 -6.52 -20.22 35.91
C ALA C 143 -6.84 -19.33 34.73
N ASP C 144 -6.95 -19.98 33.55
CA ASP C 144 -7.45 -19.35 32.33
C ASP C 144 -8.80 -18.68 32.60
N GLY C 145 -9.60 -19.32 33.46
CA GLY C 145 -10.85 -18.73 33.88
C GLY C 145 -10.70 -17.40 34.56
N LEU C 146 -9.79 -17.33 35.54
CA LEU C 146 -9.49 -16.10 36.30
C LEU C 146 -8.73 -15.07 35.48
N PHE C 147 -7.80 -15.52 34.65
CA PHE C 147 -7.16 -14.65 33.67
C PHE C 147 -8.18 -13.91 32.87
N VAL C 148 -9.15 -14.63 32.29
CA VAL C 148 -10.06 -13.98 31.33
C VAL C 148 -11.25 -13.30 32.01
N HIS C 149 -11.57 -13.74 33.24
CA HIS C 149 -12.84 -13.35 33.94
C HIS C 149 -13.39 -11.94 33.66
N ASP C 150 -12.61 -10.91 33.97
CA ASP C 150 -13.13 -9.53 33.94
C ASP C 150 -13.30 -8.96 32.54
N TYR C 151 -12.76 -9.67 31.55
CA TYR C 151 -12.84 -9.15 30.18
C TYR C 151 -13.95 -9.79 29.37
N ILE C 152 -14.57 -10.84 29.89
CA ILE C 152 -15.74 -11.45 29.22
C ILE C 152 -17.04 -11.51 30.04
N HIS C 153 -17.00 -11.14 31.32
CA HIS C 153 -18.20 -10.89 32.09
C HIS C 153 -18.15 -9.44 32.51
N ASP C 154 -19.22 -8.69 32.22
CA ASP C 154 -19.32 -7.27 32.55
C ASP C 154 -19.48 -7.20 34.07
N ASP C 155 -18.34 -7.33 34.75
CA ASP C 155 -18.24 -7.46 36.23
C ASP C 155 -16.77 -7.61 36.58
N VAL C 156 -16.13 -6.60 37.13
CA VAL C 156 -14.73 -6.78 37.50
C VAL C 156 -14.69 -7.32 38.92
N LEU C 157 -13.93 -8.38 39.15
CA LEU C 157 -13.73 -8.84 40.51
C LEU C 157 -12.94 -7.81 41.31
N SER C 158 -13.26 -7.67 42.58
CA SER C 158 -12.42 -6.88 43.48
C SER C 158 -11.18 -7.69 43.88
N LYS C 159 -10.14 -7.00 44.34
CA LYS C 159 -8.92 -7.69 44.79
C LYS C 159 -9.23 -8.74 45.86
N SER C 160 -10.23 -8.47 46.69
CA SER C 160 -10.56 -9.40 47.76
C SER C 160 -11.08 -10.68 47.11
N LYS C 161 -12.14 -10.57 46.30
CA LYS C 161 -12.69 -11.73 45.59
C LYS C 161 -11.61 -12.46 44.79
N ARG C 162 -10.78 -11.72 44.05
CA ARG C 162 -9.76 -12.33 43.20
C ARG C 162 -8.79 -13.13 44.04
N GLN C 163 -8.34 -12.58 45.19
CA GLN C 163 -7.40 -13.33 46.04
C GLN C 163 -8.00 -14.64 46.51
N ALA C 164 -9.29 -14.62 46.88
CA ALA C 164 -9.98 -15.81 47.39
C ALA C 164 -10.08 -16.90 46.35
N LEU C 166 -8.10 -17.23 43.83
CA LEU C 166 -6.74 -17.73 43.61
C LEU C 166 -6.43 -18.87 44.60
N GLU C 167 -6.79 -18.66 45.87
CA GLU C 167 -6.53 -19.66 46.93
C GLU C 167 -7.25 -21.00 46.66
N THR C 168 -8.57 -20.96 46.55
CA THR C 168 -9.41 -22.07 46.08
C THR C 168 -8.81 -22.81 44.88
N ILE C 169 -8.33 -22.10 43.88
CA ILE C 169 -7.63 -22.78 42.77
C ILE C 169 -6.33 -23.39 43.26
N LEU C 170 -5.52 -22.60 43.97
CA LEU C 170 -4.30 -23.12 44.62
C LEU C 170 -4.56 -24.35 45.49
N GLU C 171 -5.68 -24.38 46.21
CA GLU C 171 -6.09 -25.58 46.94
C GLU C 171 -6.07 -26.81 46.01
N LEU C 172 -6.99 -26.85 45.05
CA LEU C 172 -7.12 -27.90 44.02
C LEU C 172 -5.87 -28.60 43.54
N ILE C 173 -4.71 -27.97 43.66
CA ILE C 173 -3.47 -28.55 43.18
C ILE C 173 -3.29 -29.94 43.78
N PRO C 174 -3.02 -30.95 42.92
CA PRO C 174 -2.73 -32.33 43.34
C PRO C 174 -1.83 -32.45 44.59
N THR D 3 -39.20 -12.52 2.49
CA THR D 3 -37.94 -12.35 1.70
C THR D 3 -36.82 -11.53 2.40
N SER D 4 -37.10 -11.02 3.61
CA SER D 4 -36.11 -10.23 4.37
C SER D 4 -34.88 -11.05 4.79
N LYS D 5 -33.71 -10.72 4.23
CA LYS D 5 -32.47 -11.45 4.58
C LYS D 5 -31.70 -10.86 5.79
N LYS D 6 -32.41 -10.18 6.70
CA LYS D 6 -31.79 -9.54 7.86
C LYS D 6 -31.06 -10.50 8.82
N GLU D 7 -31.63 -11.67 9.07
CA GLU D 7 -30.96 -12.64 9.94
C GLU D 7 -29.81 -13.36 9.21
N ILE D 9 -27.85 -12.10 7.01
CA ILE D 9 -26.72 -11.21 7.01
C ILE D 9 -25.87 -11.42 8.28
N LEU D 10 -26.55 -11.48 9.44
CA LEU D 10 -25.92 -11.60 10.76
C LEU D 10 -25.16 -12.89 10.88
N ARG D 11 -25.79 -13.99 10.43
CA ARG D 11 -25.14 -15.32 10.42
C ARG D 11 -23.91 -15.24 9.55
N THR D 12 -24.06 -14.62 8.38
CA THR D 12 -22.90 -14.43 7.55
C THR D 12 -21.81 -13.58 8.24
N ALA D 13 -22.20 -12.47 8.90
CA ALA D 13 -21.24 -11.66 9.61
C ALA D 13 -20.55 -12.48 10.72
N ILE D 14 -21.33 -13.19 11.54
CA ILE D 14 -20.79 -14.04 12.61
C ILE D 14 -19.82 -15.10 12.04
N ASP D 15 -20.23 -15.69 10.93
CA ASP D 15 -19.40 -16.72 10.32
C ASP D 15 -18.11 -16.10 9.84
N TYR D 16 -18.19 -14.87 9.34
CA TYR D 16 -17.04 -14.18 8.81
C TYR D 16 -16.01 -13.85 9.92
N ILE D 17 -16.45 -13.24 11.01
CA ILE D 17 -15.51 -12.97 12.11
C ILE D 17 -14.86 -14.22 12.76
N GLY D 18 -15.53 -15.37 12.75
CA GLY D 18 -14.95 -16.61 13.19
C GLY D 18 -13.77 -16.90 12.30
N GLU D 19 -14.03 -17.03 11.01
CA GLU D 19 -13.00 -17.20 10.01
C GLU D 19 -11.88 -16.14 10.00
N TYR D 20 -12.20 -14.85 10.16
CA TYR D 20 -11.19 -13.80 9.96
C TYR D 20 -11.05 -12.99 11.23
N SER D 21 -11.81 -11.91 11.38
CA SER D 21 -11.88 -11.23 12.69
C SER D 21 -12.69 -9.97 12.57
N LEU D 22 -12.86 -9.22 13.64
CA LEU D 22 -13.68 -8.02 13.61
C LEU D 22 -13.12 -6.83 12.81
N GLU D 23 -11.82 -6.57 12.93
CA GLU D 23 -11.15 -5.40 12.30
C GLU D 23 -11.32 -5.37 10.80
N THR D 24 -11.58 -6.54 10.27
CA THR D 24 -11.58 -6.79 8.87
C THR D 24 -13.03 -6.86 8.37
N LEU D 25 -14.00 -6.87 9.29
CA LEU D 25 -15.42 -6.87 8.93
C LEU D 25 -15.79 -5.45 8.61
N SER D 26 -16.29 -5.23 7.41
CA SER D 26 -16.64 -3.89 6.96
C SER D 26 -17.80 -4.08 5.99
N TYR D 27 -18.41 -3.01 5.51
CA TYR D 27 -19.52 -3.25 4.56
C TYR D 27 -19.11 -3.98 3.27
N ASP D 28 -18.01 -3.50 2.67
CA ASP D 28 -17.48 -4.07 1.45
C ASP D 28 -17.26 -5.52 1.66
N SER D 29 -16.52 -5.90 2.68
CA SER D 29 -16.24 -7.31 2.90
C SER D 29 -17.45 -8.15 3.31
N LEU D 30 -18.42 -7.55 3.99
CA LEU D 30 -19.71 -8.24 4.25
C LEU D 30 -20.58 -8.32 2.96
N ALA D 31 -20.54 -7.28 2.12
CA ALA D 31 -21.16 -7.36 0.78
C ALA D 31 -20.59 -8.53 -0.04
N GLU D 32 -19.27 -8.57 -0.15
CA GLU D 32 -18.59 -9.65 -0.84
C GLU D 32 -19.07 -10.99 -0.26
N ALA D 33 -19.16 -11.14 1.06
CA ALA D 33 -19.57 -12.41 1.66
C ALA D 33 -21.04 -12.73 1.63
N THR D 34 -21.91 -11.73 1.60
CA THR D 34 -23.38 -11.96 1.57
C THR D 34 -23.95 -12.11 0.16
N GLY D 35 -23.17 -11.71 -0.84
CA GLY D 35 -23.66 -11.54 -2.20
C GLY D 35 -24.39 -10.20 -2.35
N LEU D 36 -24.77 -9.59 -1.23
CA LEU D 36 -25.55 -8.34 -1.28
C LEU D 36 -24.72 -7.14 -1.73
N SER D 37 -25.37 -6.00 -1.95
CA SER D 37 -24.68 -4.78 -2.27
C SER D 37 -24.51 -4.02 -0.97
N LYS D 38 -23.67 -3.00 -0.96
CA LYS D 38 -23.44 -2.21 0.24
C LYS D 38 -24.74 -1.52 0.68
N SER D 39 -25.51 -0.98 -0.29
CA SER D 39 -26.81 -0.33 -0.05
C SER D 39 -27.79 -1.30 0.58
N GLY D 40 -27.78 -2.53 0.09
CA GLY D 40 -28.52 -3.65 0.68
C GLY D 40 -28.24 -3.76 2.16
N LEU D 41 -26.98 -3.97 2.54
CA LEU D 41 -26.61 -4.02 3.94
C LEU D 41 -27.07 -2.79 4.72
N ILE D 42 -26.83 -1.61 4.17
CA ILE D 42 -27.24 -0.36 4.83
C ILE D 42 -28.76 -0.30 5.00
N TYR D 43 -29.47 -1.07 4.21
CA TYR D 43 -30.89 -1.03 4.29
C TYR D 43 -31.34 -1.59 5.64
N HIS D 44 -30.77 -2.71 6.09
CA HIS D 44 -31.06 -3.31 7.39
C HIS D 44 -30.23 -2.77 8.57
N PHE D 45 -29.03 -2.26 8.28
CA PHE D 45 -28.09 -1.88 9.34
C PHE D 45 -27.46 -0.59 8.90
N PRO D 46 -28.09 0.53 9.28
CA PRO D 46 -27.67 1.86 8.79
C PRO D 46 -26.35 2.40 9.37
N SER D 47 -25.78 1.70 10.34
CA SER D 47 -24.45 2.04 10.75
C SER D 47 -23.76 0.76 11.11
N ARG D 48 -22.44 0.80 11.30
CA ARG D 48 -21.71 -0.41 11.69
C ARG D 48 -22.10 -0.76 13.11
N HIS D 49 -22.44 0.28 13.86
CA HIS D 49 -22.85 0.10 15.25
C HIS D 49 -24.09 -0.78 15.37
N ALA D 50 -25.03 -0.67 14.42
CA ALA D 50 -26.23 -1.49 14.41
C ALA D 50 -25.85 -2.87 13.99
N LEU D 51 -25.04 -3.01 12.95
CA LEU D 51 -24.61 -4.35 12.54
C LEU D 51 -24.01 -5.14 13.72
N LEU D 52 -23.11 -4.52 14.51
CA LEU D 52 -22.44 -5.21 15.63
C LEU D 52 -23.43 -5.59 16.80
N LEU D 53 -24.29 -4.63 17.14
CA LEU D 53 -25.42 -4.78 18.07
C LEU D 53 -26.22 -5.99 17.69
N GLY D 54 -26.62 -6.02 16.42
CA GLY D 54 -27.35 -7.18 15.94
C GLY D 54 -26.61 -8.51 16.11
N HIS D 56 -24.22 -9.16 18.48
CA HIS D 56 -24.22 -9.36 19.94
C HIS D 56 -25.60 -9.92 20.41
N GLU D 57 -26.64 -9.15 20.10
CA GLU D 57 -28.03 -9.56 20.36
C GLU D 57 -28.29 -10.90 19.83
N LEU D 58 -27.92 -11.17 18.59
CA LEU D 58 -28.19 -12.50 17.99
C LEU D 58 -27.46 -13.61 18.74
N LEU D 59 -26.23 -13.35 19.18
CA LEU D 59 -25.48 -14.41 19.80
C LEU D 59 -25.86 -14.67 21.27
N ALA D 60 -26.09 -13.57 22.00
CA ALA D 60 -26.66 -13.65 23.37
C ALA D 60 -28.03 -14.38 23.46
N ASP D 61 -28.96 -14.08 22.55
CA ASP D 61 -30.18 -14.85 22.33
C ASP D 61 -29.92 -16.31 21.91
N ASP D 62 -28.95 -16.63 21.05
CA ASP D 62 -28.68 -18.06 20.83
C ASP D 62 -28.32 -18.74 22.17
N TRP D 63 -27.64 -18.01 23.03
CA TRP D 63 -26.99 -18.61 24.19
C TRP D 63 -28.01 -18.76 25.31
N ASP D 64 -28.89 -17.77 25.42
CA ASP D 64 -30.06 -17.85 26.27
C ASP D 64 -31.02 -18.96 25.91
N LYS D 65 -31.41 -19.05 24.64
CA LYS D 65 -32.27 -20.14 24.20
C LYS D 65 -31.63 -21.50 24.46
N GLU D 66 -30.34 -21.61 24.22
CA GLU D 66 -29.56 -22.83 24.49
C GLU D 66 -29.52 -23.21 25.99
N LEU D 67 -29.39 -22.21 26.83
CA LEU D 67 -29.31 -22.44 28.26
C LEU D 67 -30.67 -22.84 28.82
N ARG D 68 -31.73 -22.18 28.34
CA ARG D 68 -33.04 -22.47 28.91
C ARG D 68 -33.52 -23.81 28.43
N ASP D 69 -33.24 -24.18 27.18
CA ASP D 69 -33.61 -25.52 26.69
C ASP D 69 -33.04 -26.72 27.43
N ILE D 70 -31.82 -26.59 27.96
CA ILE D 70 -31.08 -27.75 28.38
C ILE D 70 -31.16 -27.90 29.91
N THR D 71 -31.52 -26.80 30.55
CA THR D 71 -31.91 -26.79 31.93
C THR D 71 -33.06 -27.79 32.15
N ARG D 72 -32.88 -28.73 33.07
CA ARG D 72 -33.99 -29.62 33.45
C ARG D 72 -35.06 -28.90 34.34
N ASP D 73 -34.60 -28.22 35.39
CA ASP D 73 -35.48 -27.41 36.24
C ASP D 73 -34.89 -26.03 36.58
N PRO D 74 -35.52 -24.95 36.09
CA PRO D 74 -35.02 -23.56 36.15
C PRO D 74 -34.92 -22.91 37.52
N GLU D 75 -35.35 -23.61 38.58
CA GLU D 75 -35.35 -23.06 39.94
C GLU D 75 -34.17 -23.59 40.75
N ASP D 76 -33.68 -24.75 40.32
CA ASP D 76 -32.55 -25.35 40.99
C ASP D 76 -31.26 -24.68 40.48
N PRO D 77 -30.62 -23.83 41.34
CA PRO D 77 -29.33 -23.18 41.07
C PRO D 77 -28.28 -24.11 40.46
N LEU D 78 -28.12 -25.29 41.02
CA LEU D 78 -27.08 -26.17 40.58
C LEU D 78 -27.41 -26.73 39.22
N GLU D 79 -28.70 -26.98 39.01
CA GLU D 79 -29.17 -27.42 37.69
C GLU D 79 -28.91 -26.40 36.56
N ARG D 80 -29.00 -25.11 36.85
CA ARG D 80 -28.71 -24.10 35.83
C ARG D 80 -27.19 -23.83 35.67
N LEU D 81 -26.42 -24.04 36.74
CA LEU D 81 -24.99 -23.95 36.68
C LEU D 81 -24.46 -25.05 35.76
N ARG D 82 -25.06 -26.24 35.84
CA ARG D 82 -24.74 -27.36 34.97
C ARG D 82 -24.97 -27.04 33.48
N ALA D 83 -25.96 -26.20 33.19
CA ALA D 83 -26.23 -25.83 31.79
C ALA D 83 -25.27 -24.72 31.32
N VAL D 84 -24.94 -23.79 32.19
CA VAL D 84 -23.81 -22.90 31.95
C VAL D 84 -22.54 -23.71 31.61
N VAL D 85 -22.20 -24.69 32.41
CA VAL D 85 -20.99 -25.47 32.14
C VAL D 85 -21.09 -26.15 30.78
N VAL D 86 -22.24 -26.71 30.49
CA VAL D 86 -22.39 -27.43 29.24
C VAL D 86 -22.42 -26.53 27.98
N THR D 87 -23.09 -25.39 28.03
CA THR D 87 -23.07 -24.60 26.83
C THR D 87 -21.72 -23.94 26.61
N LEU D 88 -21.05 -23.57 27.70
CA LEU D 88 -19.67 -23.09 27.64
C LEU D 88 -18.70 -24.11 27.04
N ALA D 89 -18.97 -25.40 27.16
CA ALA D 89 -18.05 -26.40 26.61
C ALA D 89 -18.41 -26.89 25.22
N GLU D 90 -19.51 -26.44 24.66
CA GLU D 90 -20.02 -27.04 23.42
C GLU D 90 -20.76 -26.07 22.51
N ASN D 91 -21.45 -25.07 23.07
CA ASN D 91 -22.31 -24.24 22.25
C ASN D 91 -21.88 -22.84 22.00
N VAL D 92 -20.63 -22.55 22.32
CA VAL D 92 -20.08 -21.22 22.10
C VAL D 92 -18.67 -21.30 21.51
N SER D 93 -18.40 -20.51 20.49
CA SER D 93 -17.11 -20.65 19.83
C SER D 93 -16.37 -19.32 19.67
N ARG D 94 -15.55 -19.25 18.62
CA ARG D 94 -14.76 -18.05 18.39
C ARG D 94 -15.56 -16.73 18.31
N PRO D 95 -16.64 -16.65 17.49
CA PRO D 95 -17.34 -15.37 17.40
C PRO D 95 -17.80 -14.83 18.73
N GLU D 96 -18.26 -15.70 19.60
CA GLU D 96 -18.84 -15.28 20.89
C GLU D 96 -17.77 -14.66 21.75
N LEU D 97 -16.63 -15.35 21.83
CA LEU D 97 -15.40 -14.81 22.49
C LEU D 97 -14.98 -13.45 21.93
N LEU D 98 -14.98 -13.28 20.60
CA LEU D 98 -14.52 -11.98 20.04
C LEU D 98 -15.52 -10.93 20.40
N LEU D 99 -16.78 -11.33 20.45
CA LEU D 99 -17.84 -10.39 20.76
C LEU D 99 -17.87 -10.02 22.24
N LEU D 100 -17.72 -11.01 23.11
CA LEU D 100 -17.53 -10.78 24.56
C LEU D 100 -16.44 -9.75 24.80
N ILE D 101 -15.28 -9.94 24.20
CA ILE D 101 -14.16 -8.99 24.29
C ILE D 101 -14.46 -7.60 23.69
N ASP D 102 -15.20 -7.51 22.59
CA ASP D 102 -15.51 -6.21 21.98
C ASP D 102 -16.59 -5.45 22.75
N ALA D 103 -17.52 -6.19 23.35
CA ALA D 103 -18.70 -5.57 23.99
C ALA D 103 -18.44 -4.39 24.95
N PRO D 104 -17.48 -4.53 25.91
CA PRO D 104 -17.23 -3.39 26.81
C PRO D 104 -17.06 -2.08 26.09
N SER D 105 -16.80 -2.13 24.80
CA SER D 105 -16.49 -0.90 24.05
C SER D 105 -17.73 -0.04 23.77
N HIS D 106 -18.92 -0.50 24.15
CA HIS D 106 -20.12 0.36 24.08
C HIS D 106 -21.26 -0.20 24.97
N PRO D 107 -21.95 0.68 25.74
CA PRO D 107 -23.05 0.25 26.61
C PRO D 107 -24.13 -0.56 25.91
N ASP D 108 -24.53 -0.14 24.72
CA ASP D 108 -25.46 -0.91 23.90
C ASP D 108 -25.07 -2.40 23.83
N PHE D 109 -23.77 -2.70 23.80
CA PHE D 109 -23.32 -4.08 23.58
C PHE D 109 -23.32 -4.89 24.88
N LEU D 110 -22.89 -4.20 25.94
CA LEU D 110 -23.02 -4.68 27.32
C LEU D 110 -24.47 -5.07 27.61
N ASN D 111 -25.41 -4.13 27.49
CA ASN D 111 -26.85 -4.39 27.65
C ASN D 111 -27.35 -5.63 26.89
N ALA D 112 -26.89 -5.83 25.65
CA ALA D 112 -27.34 -6.95 24.85
C ALA D 112 -26.98 -8.26 25.52
N TRP D 113 -25.96 -8.24 26.38
CA TRP D 113 -25.53 -9.42 27.08
C TRP D 113 -26.03 -9.49 28.54
N ARG D 114 -26.91 -8.59 28.97
CA ARG D 114 -27.30 -8.54 30.38
C ARG D 114 -28.07 -9.78 30.89
N THR D 115 -29.10 -10.22 30.18
CA THR D 115 -29.79 -11.48 30.47
C THR D 115 -28.85 -12.63 30.84
N VAL D 116 -27.90 -12.93 29.96
CA VAL D 116 -27.04 -14.12 30.05
C VAL D 116 -25.74 -13.91 30.87
N ASN D 117 -25.65 -12.78 31.58
CA ASN D 117 -24.48 -12.52 32.43
C ASN D 117 -24.95 -12.21 33.84
N HIS D 118 -26.27 -12.21 34.01
CA HIS D 118 -26.94 -11.76 35.24
C HIS D 118 -28.03 -12.73 35.67
N GLN D 119 -28.48 -13.59 34.77
CA GLN D 119 -29.49 -14.58 35.13
C GLN D 119 -28.97 -16.00 35.02
N TRP D 120 -27.75 -16.17 34.51
CA TRP D 120 -27.16 -17.51 34.38
C TRP D 120 -25.77 -17.64 35.03
N ILE D 121 -25.01 -16.57 35.11
CA ILE D 121 -23.71 -16.62 35.75
C ILE D 121 -23.89 -16.32 37.23
N PRO D 122 -23.39 -17.21 38.11
CA PRO D 122 -23.70 -17.19 39.55
C PRO D 122 -23.20 -15.92 40.23
N ASP D 123 -23.95 -15.45 41.24
CA ASP D 123 -23.65 -14.16 41.86
C ASP D 123 -22.46 -14.24 42.87
N THR D 124 -21.55 -13.28 42.71
CA THR D 124 -20.34 -13.12 43.55
C THR D 124 -20.59 -12.44 44.91
N ASP D 125 -21.13 -13.18 45.88
CA ASP D 125 -21.53 -12.51 47.12
C ASP D 125 -21.02 -13.09 48.40
N ASP D 126 -20.09 -12.35 49.00
CA ASP D 126 -19.42 -12.72 50.26
C ASP D 126 -18.63 -14.02 50.08
N LEU D 127 -18.13 -14.21 48.86
CA LEU D 127 -17.49 -15.46 48.47
C LEU D 127 -16.13 -15.61 49.17
N GLU D 128 -15.63 -14.48 49.66
CA GLU D 128 -14.43 -14.44 50.50
C GLU D 128 -14.59 -15.40 51.67
N ASN D 129 -15.77 -15.40 52.29
CA ASN D 129 -16.00 -16.24 53.48
C ASN D 129 -17.05 -17.34 53.39
N ASP D 130 -17.67 -17.49 52.21
CA ASP D 130 -18.59 -18.61 51.95
C ASP D 130 -17.93 -19.71 51.08
N ALA D 131 -17.53 -20.82 51.70
CA ALA D 131 -16.90 -21.93 50.95
C ALA D 131 -17.75 -22.63 49.87
N HIS D 132 -19.08 -22.58 49.95
CA HIS D 132 -19.93 -23.25 48.93
C HIS D 132 -20.02 -22.39 47.69
N LYS D 133 -20.49 -21.17 47.89
CA LYS D 133 -20.48 -20.13 46.88
C LYS D 133 -19.14 -20.09 46.13
N ARG D 134 -18.01 -20.08 46.85
CA ARG D 134 -16.70 -20.13 46.16
C ARG D 134 -16.44 -21.44 45.36
N ALA D 135 -16.94 -22.55 45.87
CA ALA D 135 -16.98 -23.83 45.13
C ALA D 135 -17.92 -23.80 43.88
N VAL D 136 -18.87 -22.87 43.86
CA VAL D 136 -19.74 -22.74 42.70
C VAL D 136 -19.05 -21.82 41.69
N TYR D 137 -18.21 -20.94 42.19
CA TYR D 137 -17.49 -20.05 41.32
C TYR D 137 -16.29 -20.73 40.64
N LEU D 138 -15.65 -21.65 41.36
CA LEU D 138 -14.62 -22.51 40.80
C LEU D 138 -15.12 -23.26 39.54
N VAL D 139 -16.34 -23.77 39.58
CA VAL D 139 -16.92 -24.40 38.42
C VAL D 139 -17.00 -23.35 37.29
N GLN D 140 -17.51 -22.17 37.60
CA GLN D 140 -17.72 -21.16 36.59
C GLN D 140 -16.39 -20.76 35.93
N LEU D 141 -15.36 -20.64 36.76
CA LEU D 141 -14.06 -20.28 36.31
C LEU D 141 -13.53 -21.40 35.42
N ALA D 142 -13.75 -22.62 35.81
CA ALA D 142 -13.23 -23.70 35.00
C ALA D 142 -13.98 -23.83 33.65
N ALA D 143 -15.29 -23.69 33.65
CA ALA D 143 -16.02 -23.66 32.39
C ALA D 143 -15.56 -22.57 31.43
N ASP D 144 -15.27 -21.39 31.97
CA ASP D 144 -14.69 -20.26 31.23
C ASP D 144 -13.32 -20.59 30.64
N GLY D 145 -12.49 -21.32 31.37
CA GLY D 145 -11.23 -21.77 30.81
C GLY D 145 -11.39 -22.79 29.68
N LEU D 146 -12.41 -23.62 29.76
CA LEU D 146 -12.67 -24.61 28.71
C LEU D 146 -13.30 -23.92 27.49
N PHE D 147 -14.15 -22.91 27.73
CA PHE D 147 -14.64 -22.05 26.65
C PHE D 147 -13.53 -21.37 25.82
N VAL D 148 -12.47 -20.83 26.43
CA VAL D 148 -11.53 -19.97 25.71
C VAL D 148 -10.33 -20.80 25.30
N HIS D 149 -10.17 -21.98 25.90
CA HIS D 149 -9.00 -22.81 25.75
C HIS D 149 -8.34 -22.91 24.37
N ASP D 150 -9.11 -23.24 23.34
CA ASP D 150 -8.59 -23.39 21.96
C ASP D 150 -8.16 -22.06 21.28
N TYR D 151 -8.55 -20.92 21.83
CA TYR D 151 -8.20 -19.62 21.23
C TYR D 151 -7.04 -18.91 21.91
N ILE D 152 -6.52 -19.54 22.95
CA ILE D 152 -5.58 -18.89 23.84
C ILE D 152 -4.38 -19.85 24.03
N HIS D 153 -4.55 -21.12 23.70
CA HIS D 153 -3.46 -22.11 23.84
C HIS D 153 -2.73 -22.61 22.58
N ASP D 154 -3.36 -22.42 21.42
CA ASP D 154 -2.77 -22.86 20.14
C ASP D 154 -2.34 -24.34 20.25
N ASP D 155 -3.35 -25.20 20.15
CA ASP D 155 -3.24 -26.60 20.52
C ASP D 155 -4.63 -27.08 20.89
N VAL D 156 -5.54 -27.14 19.92
CA VAL D 156 -6.94 -27.46 20.18
C VAL D 156 -7.11 -28.74 21.00
N LEU D 157 -8.12 -28.79 21.87
CA LEU D 157 -8.52 -30.06 22.45
C LEU D 157 -9.35 -30.82 21.43
N SER D 158 -9.06 -32.12 21.31
CA SER D 158 -9.93 -33.02 20.55
C SER D 158 -11.24 -33.14 21.33
N LYS D 159 -12.33 -33.48 20.65
CA LYS D 159 -13.63 -33.76 21.31
C LYS D 159 -13.49 -34.70 22.46
N SER D 160 -12.70 -35.76 22.30
CA SER D 160 -12.64 -36.71 23.37
C SER D 160 -12.02 -36.06 24.63
N LYS D 161 -10.94 -35.29 24.48
CA LYS D 161 -10.28 -34.66 25.62
C LYS D 161 -11.19 -33.64 26.30
N ARG D 162 -12.02 -32.99 25.48
CA ARG D 162 -12.95 -31.95 25.86
C ARG D 162 -14.17 -32.50 26.61
N GLN D 163 -14.70 -33.63 26.15
CA GLN D 163 -15.70 -34.35 26.91
C GLN D 163 -15.13 -34.73 28.28
N ALA D 164 -13.98 -35.39 28.30
CA ALA D 164 -13.31 -35.79 29.56
C ALA D 164 -13.16 -34.61 30.58
N LEU D 166 -14.93 -31.64 30.42
CA LEU D 166 -16.31 -31.28 30.78
C LEU D 166 -16.84 -32.17 31.94
N GLU D 167 -16.70 -33.49 31.81
CA GLU D 167 -17.08 -34.35 32.89
C GLU D 167 -16.37 -34.00 34.19
N THR D 168 -15.07 -33.73 34.14
CA THR D 168 -14.36 -33.31 35.35
C THR D 168 -14.89 -32.02 36.02
N ILE D 169 -15.30 -31.05 35.21
CA ILE D 169 -15.91 -29.83 35.74
C ILE D 169 -17.27 -30.12 36.31
N LEU D 170 -18.01 -31.03 35.67
CA LEU D 170 -19.33 -31.45 36.19
C LEU D 170 -19.27 -32.18 37.54
N GLU D 171 -18.42 -33.22 37.63
CA GLU D 171 -18.24 -34.02 38.84
C GLU D 171 -17.90 -33.13 40.04
N LEU D 172 -17.48 -31.90 39.75
CA LEU D 172 -17.04 -30.94 40.77
C LEU D 172 -18.16 -30.00 41.19
N ILE D 173 -19.37 -30.24 40.68
CA ILE D 173 -20.54 -29.46 41.09
C ILE D 173 -21.04 -30.02 42.43
N PRO D 174 -21.26 -29.15 43.43
CA PRO D 174 -21.59 -29.55 44.82
C PRO D 174 -22.89 -30.40 45.04
#